data_2WYD
#
_entry.id   2WYD
#
_cell.length_a   120.775
_cell.length_b   166.366
_cell.length_c   94.313
_cell.angle_alpha   90.00
_cell.angle_beta   90.00
_cell.angle_gamma   90.00
#
_symmetry.space_group_name_H-M   'C 2 2 21'
#
loop_
_entity.id
_entity.type
_entity.pdbx_description
1 polymer 'ACYL-HOMOSERINE LACTONE ACYLASE PVDQ SUBUNIT ALPHA'
2 polymer 'ACYL-HOMOSERINE LACTONE ACYLASE PVDQ SUBUNIT BETA'
3 non-polymer GLYCEROL
4 non-polymer 'LAURIC ACID'
5 water water
#
loop_
_entity_poly.entity_id
_entity_poly.type
_entity_poly.pdbx_seq_one_letter_code
_entity_poly.pdbx_strand_id
1 'polypeptide(L)'
;DMPRPTGLAADIRWTAYGVPHIRAKDERGLGYGIGYAYARDNACLLAEEIVTARGERARYFGSEGKSSAELDNLPSDIFY
AWLNQPEALQAFWQAQTPAVRQLLEGYAAGFNRFLREADGKTTSCLGQPWLRAIATDDLLRLTRRLLVEGGVGQFADALV
AAAPPGAEKV
;
A
2 'polypeptide(L)'
;SNAIAVGSERSADGKGMLLANPHFPWNGAMRFYQMHLTIPGRLDVMGASLPGLPVVNIGFSRHLAWTHTVDTSSHFTLYR
LALDPKDPRRYLVDGRSLPLEEKSVAIEVRGADGKLSRVEHKVYQSIYGPLVVWPGKLDWNRSEAYALRDANLENTRVLQ
QWYSINQASDVADLRRRVEALQGIPWVNTLAADEQGNALYMNQSVVPYLKPELIPACAIPQLVAEGLPALQGQDSRCAWS
RDPAAAQAGITPAAQLPVLLRRDFVQNSNDSAWLTNPASPLQGFSPLVSQEKPIGPRARYALSRLQGKQPLEAKTLEEMV
TANHVFSADQVLPDLLRLCRDNQGEKSLARACAALAQWDRGANLDSGSGFVYFQRFMQRFAELDGAWKEPFDAQRPLDTP
QGIALDRPQVATQVRQALADAAAEVEKSGIPDGARWGDLQVSTRGQERIAIPGGDGHFGVYNAIQSVRKGDHLEVVGGTS
YIQLVTFPEEGPKARGLLAFSQSSDPRSPHYRDQTELFSRQQWQTLPFSDRQIDADPQLQRLSIRE
;
B
#
loop_
_chem_comp.id
_chem_comp.type
_chem_comp.name
_chem_comp.formula
DAO non-polymer 'LAURIC ACID' 'C12 H24 O2'
GOL non-polymer GLYCEROL 'C3 H8 O3'
#
# COMPACT_ATOMS: atom_id res chain seq x y z
N THR A 6 8.38 27.15 20.58
CA THR A 6 9.01 26.84 21.89
C THR A 6 8.10 25.94 22.75
N GLY A 7 8.59 25.51 23.91
CA GLY A 7 7.93 24.44 24.68
C GLY A 7 8.14 23.09 24.00
N LEU A 8 9.25 22.96 23.26
CA LEU A 8 9.59 21.77 22.48
C LEU A 8 10.77 21.05 23.12
N ALA A 9 10.58 19.79 23.47
CA ALA A 9 11.63 19.01 24.12
C ALA A 9 11.34 17.55 23.92
N ALA A 10 12.38 16.78 23.60
CA ALA A 10 12.22 15.35 23.42
C ALA A 10 13.46 14.62 23.90
N ASP A 11 13.24 13.40 24.40
CA ASP A 11 14.35 12.50 24.66
C ASP A 11 14.32 11.38 23.62
N ILE A 12 15.43 11.18 22.93
CA ILE A 12 15.49 10.17 21.88
C ILE A 12 16.55 9.15 22.22
N ARG A 13 16.14 7.88 22.21
CA ARG A 13 17.08 6.78 22.28
C ARG A 13 17.03 6.03 20.97
N TRP A 14 18.20 5.65 20.45
CA TRP A 14 18.26 4.82 19.25
C TRP A 14 18.80 3.44 19.62
N THR A 15 18.12 2.40 19.19
CA THR A 15 18.64 1.03 19.38
C THR A 15 19.30 0.56 18.07
N ALA A 16 19.66 -0.72 17.99
CA ALA A 16 20.29 -1.27 16.78
C ALA A 16 19.51 -0.91 15.52
N TYR A 17 20.23 -0.65 14.44
CA TYR A 17 19.66 -0.37 13.11
C TYR A 17 19.07 1.04 13.00
N GLY A 18 19.31 1.86 14.03
CA GLY A 18 18.87 3.25 14.04
C GLY A 18 17.37 3.44 14.25
N VAL A 19 16.76 2.56 15.03
CA VAL A 19 15.35 2.70 15.40
C VAL A 19 15.23 3.73 16.55
N PRO A 20 14.50 4.85 16.33
CA PRO A 20 14.35 5.82 17.40
C PRO A 20 13.20 5.51 18.37
N HIS A 21 13.45 5.82 19.64
CA HIS A 21 12.48 5.69 20.73
C HIS A 21 12.38 7.09 21.31
N ILE A 22 11.25 7.73 21.05
CA ILE A 22 11.05 9.12 21.41
C ILE A 22 10.18 9.20 22.65
N ARG A 23 10.67 9.90 23.65
N ARG A 23 10.64 9.97 23.63
CA ARG A 23 9.90 10.19 24.85
CA ARG A 23 9.94 10.17 24.89
C ARG A 23 9.68 11.70 24.95
C ARG A 23 9.74 11.67 25.16
N ALA A 24 8.49 12.09 25.36
CA ALA A 24 8.17 13.50 25.59
C ALA A 24 6.98 13.61 26.52
N LYS A 25 6.76 14.81 27.06
CA LYS A 25 5.65 15.02 27.99
C LYS A 25 4.33 15.40 27.33
N ASP A 26 4.39 15.72 26.04
CA ASP A 26 3.22 16.16 25.29
C ASP A 26 3.42 15.93 23.79
N GLU A 27 2.36 16.18 23.02
CA GLU A 27 2.37 15.94 21.57
C GLU A 27 3.40 16.81 20.80
N ARG A 28 3.56 18.07 21.20
CA ARG A 28 4.52 19.00 20.58
C ARG A 28 5.93 18.43 20.71
N GLY A 29 6.30 18.06 21.94
CA GLY A 29 7.59 17.42 22.20
C GLY A 29 7.75 16.10 21.46
N LEU A 30 6.68 15.31 21.40
CA LEU A 30 6.74 14.01 20.77
C LEU A 30 7.03 14.18 19.27
N GLY A 31 6.28 15.08 18.63
CA GLY A 31 6.49 15.41 17.20
C GLY A 31 7.89 15.95 16.95
N TYR A 32 8.37 16.79 17.87
CA TYR A 32 9.74 17.33 17.82
C TYR A 32 10.76 16.21 17.67
N GLY A 33 10.67 15.19 18.53
CA GLY A 33 11.56 14.04 18.45
C GLY A 33 11.41 13.25 17.15
N ILE A 34 10.16 13.03 16.73
CA ILE A 34 9.90 12.31 15.47
C ILE A 34 10.53 13.05 14.28
N GLY A 35 10.24 14.35 14.15
CA GLY A 35 10.73 15.12 12.99
C GLY A 35 12.24 15.13 12.94
N TYR A 36 12.87 15.35 14.10
CA TYR A 36 14.32 15.29 14.19
C TYR A 36 14.92 13.91 13.83
N ALA A 37 14.42 12.83 14.42
CA ALA A 37 14.94 11.50 14.13
C ALA A 37 14.73 11.14 12.65
N TYR A 38 13.53 11.42 12.14
CA TYR A 38 13.23 11.13 10.73
C TYR A 38 14.16 11.89 9.77
N ALA A 39 14.37 13.18 10.04
CA ALA A 39 15.27 14.01 9.25
C ALA A 39 16.71 13.45 9.22
N ARG A 40 17.19 12.97 10.38
CA ARG A 40 18.54 12.39 10.45
C ARG A 40 18.76 11.28 9.39
N ASP A 41 17.72 10.48 9.20
CA ASP A 41 17.73 9.33 8.27
C ASP A 41 17.24 9.65 6.87
N ASN A 42 16.30 10.59 6.75
CA ASN A 42 15.52 10.73 5.53
C ASN A 42 15.17 12.16 5.10
N ALA A 43 15.98 13.13 5.49
CA ALA A 43 15.72 14.54 5.15
C ALA A 43 15.49 14.73 3.65
N CYS A 44 16.39 14.17 2.83
CA CYS A 44 16.31 14.33 1.37
C CYS A 44 15.02 13.74 0.79
N LEU A 45 14.64 12.56 1.27
CA LEU A 45 13.41 11.89 0.83
C LEU A 45 12.23 12.82 1.12
N LEU A 46 12.12 13.30 2.37
CA LEU A 46 10.96 14.13 2.73
C LEU A 46 10.94 15.42 1.93
N ALA A 47 12.12 16.04 1.74
CA ALA A 47 12.22 17.27 0.96
C ALA A 47 11.69 17.05 -0.46
N GLU A 48 12.10 15.96 -1.10
N GLU A 48 12.09 15.94 -1.08
CA GLU A 48 11.65 15.64 -2.45
CA GLU A 48 11.67 15.59 -2.43
C GLU A 48 10.13 15.44 -2.51
C GLU A 48 10.16 15.42 -2.50
N GLU A 49 9.59 14.70 -1.55
CA GLU A 49 8.16 14.37 -1.56
C GLU A 49 7.28 15.58 -1.25
N ILE A 50 7.84 16.51 -0.48
CA ILE A 50 7.17 17.78 -0.20
C ILE A 50 7.17 18.65 -1.48
N VAL A 51 8.29 18.67 -2.19
CA VAL A 51 8.32 19.34 -3.49
C VAL A 51 7.19 18.80 -4.38
N THR A 52 7.07 17.46 -4.44
CA THR A 52 5.99 16.82 -5.20
C THR A 52 4.62 17.28 -4.74
N ALA A 53 4.37 17.20 -3.44
CA ALA A 53 3.06 17.52 -2.86
C ALA A 53 2.69 19.00 -2.94
N ARG A 54 3.71 19.85 -3.06
CA ARG A 54 3.53 21.31 -3.29
C ARG A 54 3.31 21.66 -4.77
N GLY A 55 3.44 20.68 -5.66
CA GLY A 55 3.37 20.91 -7.11
C GLY A 55 4.48 21.80 -7.65
N GLU A 56 5.70 21.55 -7.17
CA GLU A 56 6.88 22.32 -7.55
C GLU A 56 7.99 21.51 -8.25
N ARG A 57 7.67 20.29 -8.72
CA ARG A 57 8.69 19.46 -9.38
C ARG A 57 9.27 20.13 -10.63
N ALA A 58 8.38 20.66 -11.48
CA ALA A 58 8.84 21.28 -12.72
C ALA A 58 9.69 22.53 -12.46
N ARG A 59 9.40 23.21 -11.35
CA ARG A 59 10.13 24.42 -10.96
C ARG A 59 11.58 24.10 -10.62
N TYR A 60 11.80 23.01 -9.88
CA TYR A 60 13.15 22.62 -9.47
C TYR A 60 13.88 21.74 -10.49
N PHE A 61 13.12 20.92 -11.22
CA PHE A 61 13.69 19.81 -12.00
C PHE A 61 13.34 19.80 -13.48
N GLY A 62 12.43 20.69 -13.90
CA GLY A 62 12.10 20.81 -15.32
C GLY A 62 11.03 19.81 -15.74
N SER A 63 10.62 19.86 -17.00
CA SER A 63 9.49 19.06 -17.48
C SER A 63 9.86 17.61 -17.82
N GLU A 64 11.16 17.33 -17.99
CA GLU A 64 11.58 15.98 -18.40
C GLU A 64 11.61 14.91 -17.29
N GLY A 65 11.64 15.32 -16.03
CA GLY A 65 11.72 14.35 -14.94
C GLY A 65 10.38 13.79 -14.51
N LYS A 66 10.44 12.88 -13.55
CA LYS A 66 9.22 12.29 -12.98
C LYS A 66 9.31 12.35 -11.46
N SER A 67 8.16 12.18 -10.81
CA SER A 67 8.09 12.03 -9.37
C SER A 67 8.45 10.60 -8.99
N SER A 68 8.55 10.32 -7.68
CA SER A 68 8.83 8.95 -7.24
C SER A 68 7.62 8.02 -7.46
N ALA A 69 6.44 8.58 -7.72
CA ALA A 69 5.26 7.79 -8.15
C ALA A 69 5.29 7.55 -9.66
N GLU A 70 6.36 8.00 -10.31
CA GLU A 70 6.56 7.84 -11.75
C GLU A 70 5.56 8.64 -12.61
N LEU A 71 5.01 9.73 -12.07
CA LEU A 71 4.28 10.67 -12.92
C LEU A 71 5.21 11.72 -13.48
N ASP A 72 4.97 12.18 -14.71
CA ASP A 72 5.68 13.33 -15.28
C ASP A 72 5.56 14.53 -14.35
N ASN A 73 6.64 15.30 -14.24
CA ASN A 73 6.69 16.45 -13.34
C ASN A 73 5.56 17.47 -13.54
N LEU A 74 5.28 17.88 -14.77
CA LEU A 74 4.25 18.90 -14.99
C LEU A 74 2.82 18.40 -14.66
N PRO A 75 2.40 17.23 -15.20
CA PRO A 75 1.08 16.70 -14.79
C PRO A 75 0.97 16.46 -13.27
N SER A 76 2.04 15.94 -12.67
CA SER A 76 2.06 15.75 -11.20
C SER A 76 1.83 17.10 -10.49
N ASP A 77 2.56 18.13 -10.92
CA ASP A 77 2.42 19.46 -10.32
C ASP A 77 1.00 20.01 -10.45
N ILE A 78 0.42 19.87 -11.63
CA ILE A 78 -0.94 20.36 -11.87
C ILE A 78 -1.90 19.66 -10.89
N PHE A 79 -1.77 18.34 -10.80
CA PHE A 79 -2.59 17.56 -9.88
C PHE A 79 -2.45 18.00 -8.41
N TYR A 80 -1.21 18.13 -7.93
CA TYR A 80 -1.01 18.53 -6.52
C TYR A 80 -1.33 19.99 -6.26
N ALA A 81 -1.12 20.87 -7.23
CA ALA A 81 -1.57 22.27 -7.09
C ALA A 81 -3.10 22.33 -6.94
N TRP A 82 -3.79 21.47 -7.69
CA TRP A 82 -5.26 21.39 -7.63
C TRP A 82 -5.69 20.75 -6.29
N LEU A 83 -5.01 19.67 -5.90
CA LEU A 83 -5.36 18.95 -4.67
C LEU A 83 -5.09 19.81 -3.43
N ASN A 84 -3.92 20.42 -3.40
CA ASN A 84 -3.44 21.13 -2.21
C ASN A 84 -3.57 22.66 -2.30
N GLN A 85 -4.70 23.11 -2.84
CA GLN A 85 -5.06 24.54 -2.85
C GLN A 85 -5.10 25.06 -1.43
N PRO A 86 -4.78 26.36 -1.25
CA PRO A 86 -4.72 26.96 0.10
C PRO A 86 -6.02 26.78 0.88
N GLU A 87 -7.18 26.93 0.21
CA GLU A 87 -8.47 26.75 0.89
C GLU A 87 -8.66 25.32 1.40
N ALA A 88 -8.25 24.33 0.62
CA ALA A 88 -8.32 22.92 1.04
C ALA A 88 -7.42 22.66 2.24
N LEU A 89 -6.21 23.20 2.22
CA LEU A 89 -5.28 23.04 3.34
C LEU A 89 -5.81 23.72 4.61
N GLN A 90 -6.38 24.91 4.46
CA GLN A 90 -6.91 25.67 5.60
C GLN A 90 -8.07 24.93 6.27
N ALA A 91 -9.02 24.42 5.46
CA ALA A 91 -10.17 23.68 6.00
C ALA A 91 -9.69 22.41 6.70
N PHE A 92 -8.71 21.74 6.11
CA PHE A 92 -8.16 20.53 6.68
C PHE A 92 -7.54 20.83 8.05
N TRP A 93 -6.71 21.88 8.13
CA TRP A 93 -6.13 22.34 9.39
C TRP A 93 -7.18 22.70 10.44
N GLN A 94 -8.20 23.45 10.03
CA GLN A 94 -9.25 23.89 10.94
C GLN A 94 -9.99 22.72 11.60
N ALA A 95 -10.08 21.61 10.88
CA ALA A 95 -10.73 20.39 11.33
C ALA A 95 -9.87 19.50 12.25
N GLN A 96 -8.60 19.87 12.46
CA GLN A 96 -7.69 19.05 13.27
C GLN A 96 -7.84 19.33 14.76
N THR A 97 -7.78 18.28 15.57
CA THR A 97 -7.83 18.41 17.03
C THR A 97 -6.54 19.10 17.52
N PRO A 98 -6.58 19.70 18.73
CA PRO A 98 -5.37 20.32 19.26
C PRO A 98 -4.20 19.32 19.35
N ALA A 99 -4.47 18.07 19.75
CA ALA A 99 -3.41 17.05 19.81
C ALA A 99 -2.69 16.83 18.46
N VAL A 100 -3.47 16.76 17.37
CA VAL A 100 -2.89 16.49 16.06
C VAL A 100 -2.11 17.72 15.57
N ARG A 101 -2.67 18.91 15.76
CA ARG A 101 -1.97 20.15 15.40
C ARG A 101 -0.60 20.23 16.08
N GLN A 102 -0.58 19.86 17.36
CA GLN A 102 0.62 19.88 18.18
C GLN A 102 1.65 18.86 17.69
N LEU A 103 1.18 17.66 17.32
CA LEU A 103 2.04 16.63 16.74
C LEU A 103 2.75 17.17 15.50
N LEU A 104 1.97 17.85 14.66
CA LEU A 104 2.45 18.35 13.37
C LEU A 104 3.37 19.55 13.57
N GLU A 105 3.00 20.47 14.46
CA GLU A 105 3.90 21.59 14.81
C GLU A 105 5.24 21.11 15.32
N GLY A 106 5.22 20.11 16.20
CA GLY A 106 6.44 19.53 16.75
C GLY A 106 7.31 18.91 15.65
N TYR A 107 6.67 18.09 14.82
CA TYR A 107 7.35 17.44 13.70
C TYR A 107 8.08 18.45 12.81
N ALA A 108 7.38 19.49 12.36
CA ALA A 108 8.00 20.50 11.52
C ALA A 108 9.19 21.15 12.22
N ALA A 109 9.02 21.52 13.49
CA ALA A 109 10.11 22.11 14.27
C ALA A 109 11.35 21.20 14.42
N GLY A 110 11.11 19.90 14.62
CA GLY A 110 12.18 18.93 14.82
C GLY A 110 12.93 18.64 13.54
N PHE A 111 12.18 18.47 12.46
CA PHE A 111 12.78 18.33 11.12
C PHE A 111 13.67 19.53 10.82
N ASN A 112 13.13 20.73 11.06
CA ASN A 112 13.88 21.97 10.80
C ASN A 112 15.11 22.13 11.68
N ARG A 113 15.03 21.66 12.92
CA ARG A 113 16.18 21.68 13.82
C ARG A 113 17.31 20.87 13.21
N PHE A 114 17.01 19.65 12.77
CA PHE A 114 18.04 18.84 12.13
C PHE A 114 18.66 19.54 10.92
N LEU A 115 17.82 20.13 10.06
CA LEU A 115 18.30 20.89 8.88
C LEU A 115 19.27 22.00 9.23
N ARG A 116 18.97 22.77 10.29
CA ARG A 116 19.87 23.83 10.74
C ARG A 116 21.26 23.30 11.09
N GLU A 117 21.28 22.10 11.68
CA GLU A 117 22.52 21.50 12.17
C GLU A 117 23.26 20.63 11.15
N ALA A 118 22.57 20.19 10.10
CA ALA A 118 23.11 19.19 9.16
C ALA A 118 24.42 19.63 8.52
N ASP A 119 25.42 18.75 8.55
CA ASP A 119 26.68 19.05 7.88
C ASP A 119 27.02 18.04 6.77
N GLY A 120 26.06 17.19 6.44
CA GLY A 120 26.25 16.20 5.37
C GLY A 120 26.54 14.78 5.86
N LYS A 121 26.74 14.63 7.17
CA LYS A 121 27.06 13.32 7.76
C LYS A 121 26.10 12.22 7.27
N THR A 122 24.80 12.51 7.28
CA THR A 122 23.79 11.55 6.79
C THR A 122 22.78 12.18 5.79
N THR A 123 23.23 13.22 5.09
CA THR A 123 22.37 14.00 4.20
C THR A 123 23.09 14.29 2.88
N SER A 124 22.75 13.52 1.85
CA SER A 124 23.45 13.61 0.56
C SER A 124 23.07 14.82 -0.28
N CYS A 125 21.95 15.45 0.05
CA CYS A 125 21.41 16.55 -0.76
C CYS A 125 21.69 17.90 -0.10
N LEU A 126 22.62 17.92 0.84
CA LEU A 126 23.05 19.17 1.45
C LEU A 126 23.38 20.20 0.37
N GLY A 127 22.85 21.41 0.50
CA GLY A 127 23.09 22.50 -0.47
C GLY A 127 22.13 22.62 -1.64
N GLN A 128 21.25 21.64 -1.81
CA GLN A 128 20.24 21.71 -2.88
C GLN A 128 19.20 22.76 -2.49
N PRO A 129 18.74 23.56 -3.48
CA PRO A 129 17.76 24.60 -3.17
C PRO A 129 16.42 24.05 -2.63
N TRP A 130 16.10 22.80 -2.96
CA TRP A 130 14.85 22.19 -2.50
C TRP A 130 14.95 21.59 -1.09
N LEU A 131 16.15 21.54 -0.51
CA LEU A 131 16.28 21.11 0.87
C LEU A 131 16.10 22.36 1.74
N ARG A 132 14.91 22.51 2.33
CA ARG A 132 14.60 23.72 3.05
C ARG A 132 13.67 23.49 4.22
N ALA A 133 13.59 24.48 5.11
CA ALA A 133 12.72 24.37 6.27
C ALA A 133 11.30 24.09 5.83
N ILE A 134 10.61 23.24 6.59
CA ILE A 134 9.23 22.86 6.26
C ILE A 134 8.23 23.52 7.18
N ALA A 135 6.98 23.58 6.74
CA ALA A 135 5.90 24.14 7.56
C ALA A 135 4.87 23.05 7.82
N THR A 136 4.00 23.26 8.80
CA THR A 136 2.88 22.33 8.99
C THR A 136 2.05 22.16 7.72
N ASP A 137 1.86 23.22 6.91
CA ASP A 137 1.13 23.05 5.65
C ASP A 137 1.78 21.97 4.77
N ASP A 138 3.11 21.87 4.80
CA ASP A 138 3.80 20.85 3.99
C ASP A 138 3.42 19.46 4.48
N LEU A 139 3.28 19.29 5.80
CA LEU A 139 2.83 18.00 6.33
C LEU A 139 1.38 17.73 5.95
N LEU A 140 0.56 18.77 5.91
CA LEU A 140 -0.82 18.61 5.40
C LEU A 140 -0.82 18.19 3.93
N ARG A 141 0.09 18.76 3.13
CA ARG A 141 0.20 18.43 1.71
C ARG A 141 0.53 16.95 1.52
N LEU A 142 1.50 16.46 2.30
CA LEU A 142 1.85 15.03 2.30
C LEU A 142 0.69 14.14 2.75
N THR A 143 0.00 14.56 3.81
CA THR A 143 -1.12 13.78 4.32
C THR A 143 -2.25 13.63 3.28
N ARG A 144 -2.59 14.75 2.66
CA ARG A 144 -3.66 14.74 1.67
C ARG A 144 -3.28 13.97 0.41
N ARG A 145 -2.00 14.01 0.06
CA ARG A 145 -1.47 13.20 -1.04
C ARG A 145 -1.71 11.70 -0.77
N LEU A 146 -1.41 11.25 0.46
CA LEU A 146 -1.64 9.85 0.88
C LEU A 146 -3.12 9.52 1.00
N LEU A 147 -3.88 10.46 1.54
CA LEU A 147 -5.31 10.29 1.73
C LEU A 147 -6.01 9.85 0.43
N VAL A 148 -5.61 10.43 -0.71
CA VAL A 148 -6.31 10.19 -1.98
C VAL A 148 -5.72 9.09 -2.85
N GLU A 149 -4.72 8.37 -2.34
N GLU A 149 -4.76 8.35 -2.30
CA GLU A 149 -4.10 7.28 -3.10
CA GLU A 149 -4.07 7.24 -2.95
C GLU A 149 -5.13 6.22 -3.50
C GLU A 149 -4.99 6.05 -3.30
N GLY A 150 -6.17 6.03 -2.68
CA GLY A 150 -7.22 5.05 -3.00
C GLY A 150 -8.35 5.64 -3.82
N GLY A 151 -8.14 6.87 -4.32
CA GLY A 151 -9.20 7.61 -5.00
C GLY A 151 -8.71 8.41 -6.18
N VAL A 152 -8.94 9.72 -6.14
CA VAL A 152 -8.58 10.64 -7.23
C VAL A 152 -7.06 10.65 -7.52
N GLY A 153 -6.23 10.32 -6.52
CA GLY A 153 -4.78 10.19 -6.77
C GLY A 153 -4.44 9.16 -7.87
N GLN A 154 -5.21 8.07 -7.93
N GLN A 154 -5.22 8.09 -7.94
CA GLN A 154 -5.02 7.05 -8.98
CA GLN A 154 -5.03 7.05 -8.98
C GLN A 154 -5.37 7.59 -10.37
C GLN A 154 -5.55 7.50 -10.35
N PHE A 155 -6.10 8.72 -10.41
CA PHE A 155 -6.56 9.32 -11.66
C PHE A 155 -5.85 10.66 -11.92
N ALA A 156 -4.66 10.85 -11.35
CA ALA A 156 -3.95 12.13 -11.52
C ALA A 156 -3.71 12.49 -12.99
N ASP A 157 -3.17 11.54 -13.78
CA ASP A 157 -2.97 11.76 -15.21
C ASP A 157 -4.31 11.99 -15.92
N ALA A 158 -5.33 11.23 -15.52
CA ALA A 158 -6.67 11.32 -16.15
C ALA A 158 -7.30 12.67 -15.92
N LEU A 159 -7.12 13.22 -14.72
CA LEU A 159 -7.63 14.55 -14.39
C LEU A 159 -6.95 15.63 -15.25
N VAL A 160 -5.63 15.55 -15.33
CA VAL A 160 -4.85 16.48 -16.14
C VAL A 160 -5.22 16.39 -17.64
N ALA A 161 -5.51 15.18 -18.12
CA ALA A 161 -5.90 14.96 -19.52
C ALA A 161 -7.32 15.41 -19.90
N ALA A 162 -8.15 15.75 -18.93
CA ALA A 162 -9.57 16.04 -19.20
C ALA A 162 -9.80 17.42 -19.81
N ALA A 163 -10.12 17.44 -21.10
CA ALA A 163 -10.36 18.68 -21.83
C ALA A 163 -11.57 18.48 -22.75
N PRO A 164 -12.43 19.51 -22.89
CA PRO A 164 -13.65 19.39 -23.68
C PRO A 164 -13.37 19.12 -25.15
N PRO A 165 -14.34 18.55 -25.88
CA PRO A 165 -14.09 18.26 -27.29
C PRO A 165 -13.94 19.53 -28.14
N GLY A 166 -13.30 19.39 -29.29
CA GLY A 166 -13.24 20.48 -30.25
C GLY A 166 -14.33 20.31 -31.29
N ALA A 167 -14.01 20.63 -32.54
CA ALA A 167 -14.99 20.57 -33.63
C ALA A 167 -15.04 19.21 -34.36
N GLU A 168 -14.30 18.22 -33.84
CA GLU A 168 -14.05 16.94 -34.53
C GLU A 168 -15.28 16.11 -34.91
N LYS A 169 -15.12 15.28 -35.95
CA LYS A 169 -16.07 14.23 -36.31
C LYS A 169 -15.57 12.84 -35.84
N SER B 1 -0.31 -7.07 0.34
N SER B 1 -0.10 -7.09 0.31
CA SER B 1 0.10 -7.22 1.77
CA SER B 1 0.15 -7.23 1.78
C SER B 1 -0.63 -8.38 2.45
C SER B 1 -0.53 -8.48 2.34
N ASN B 2 0.02 -8.98 3.45
CA ASN B 2 -0.57 -10.08 4.21
C ASN B 2 -0.76 -9.66 5.67
N ALA B 3 -1.79 -10.21 6.31
CA ALA B 3 -1.97 -10.04 7.74
C ALA B 3 -2.60 -11.29 8.32
N ILE B 4 -2.10 -11.78 9.45
CA ILE B 4 -2.71 -12.90 10.16
C ILE B 4 -2.82 -12.56 11.63
N ALA B 5 -4.02 -12.68 12.18
CA ALA B 5 -4.22 -12.54 13.62
C ALA B 5 -4.68 -13.89 14.17
N VAL B 6 -4.00 -14.37 15.21
CA VAL B 6 -4.35 -15.65 15.81
C VAL B 6 -4.87 -15.40 17.22
N GLY B 7 -5.90 -16.13 17.61
CA GLY B 7 -6.47 -16.00 18.96
C GLY B 7 -6.24 -17.18 19.89
N SER B 8 -6.88 -17.11 21.05
CA SER B 8 -6.67 -18.07 22.15
C SER B 8 -6.96 -19.51 21.79
N GLU B 9 -7.88 -19.73 20.85
CA GLU B 9 -8.27 -21.08 20.47
C GLU B 9 -7.27 -21.79 19.56
N ARG B 10 -6.33 -21.04 18.99
CA ARG B 10 -5.37 -21.63 18.03
C ARG B 10 -3.89 -21.37 18.34
N SER B 11 -3.61 -20.35 19.14
N SER B 11 -3.62 -20.37 19.15
CA SER B 11 -2.23 -20.00 19.48
CA SER B 11 -2.25 -19.99 19.52
C SER B 11 -1.64 -21.04 20.42
C SER B 11 -1.64 -21.03 20.45
N ALA B 12 -0.33 -21.23 20.34
CA ALA B 12 0.38 -22.21 21.15
C ALA B 12 0.38 -21.87 22.64
N ASP B 13 0.31 -20.58 22.96
CA ASP B 13 0.32 -20.11 24.35
C ASP B 13 -1.07 -19.72 24.88
N GLY B 14 -2.09 -19.80 24.03
CA GLY B 14 -3.45 -19.42 24.40
C GLY B 14 -3.68 -17.91 24.44
N LYS B 15 -2.73 -17.15 23.92
CA LYS B 15 -2.88 -15.68 23.86
C LYS B 15 -2.93 -15.20 22.42
N GLY B 16 -2.94 -13.89 22.20
CA GLY B 16 -3.00 -13.35 20.84
C GLY B 16 -1.66 -13.35 20.14
N MET B 17 -1.70 -13.32 18.82
CA MET B 17 -0.49 -13.24 18.02
C MET B 17 -0.83 -12.58 16.70
N LEU B 18 0.08 -11.75 16.20
CA LEU B 18 -0.16 -11.05 14.94
C LEU B 18 1.06 -11.08 14.02
N LEU B 19 0.83 -11.50 12.78
CA LEU B 19 1.81 -11.29 11.72
C LEU B 19 1.40 -10.12 10.84
N ALA B 20 2.29 -9.14 10.72
CA ALA B 20 2.11 -8.00 9.83
C ALA B 20 3.14 -8.08 8.72
N ASN B 21 2.66 -8.19 7.48
CA ASN B 21 3.53 -8.30 6.31
C ASN B 21 3.01 -7.38 5.18
N PRO B 22 3.05 -6.05 5.40
CA PRO B 22 2.67 -5.10 4.33
C PRO B 22 3.60 -5.19 3.12
N HIS B 23 3.05 -5.04 1.91
CA HIS B 23 3.83 -5.07 0.66
C HIS B 23 3.70 -3.69 0.04
N PHE B 24 4.76 -2.88 0.16
CA PHE B 24 4.68 -1.45 -0.11
C PHE B 24 5.99 -1.00 -0.77
N PRO B 25 6.04 0.23 -1.32
CA PRO B 25 7.22 0.65 -2.07
C PRO B 25 8.50 0.67 -1.22
N TRP B 26 9.62 0.45 -1.91
CA TRP B 26 10.93 0.47 -1.25
C TRP B 26 11.57 1.87 -1.30
N ASN B 27 10.88 2.81 -1.94
CA ASN B 27 11.32 4.21 -2.07
C ASN B 27 10.10 5.13 -2.05
N GLY B 28 10.34 6.41 -1.81
CA GLY B 28 9.32 7.43 -2.06
C GLY B 28 8.40 7.73 -0.90
N ALA B 29 7.25 8.31 -1.21
CA ALA B 29 6.34 8.85 -0.19
C ALA B 29 5.61 7.78 0.65
N MET B 30 5.74 6.51 0.26
CA MET B 30 5.15 5.42 1.05
C MET B 30 6.19 4.45 1.63
N ARG B 31 7.41 4.96 1.82
N ARG B 31 7.41 4.96 1.82
CA ARG B 31 8.49 4.15 2.37
CA ARG B 31 8.51 4.16 2.38
C ARG B 31 8.37 4.09 3.90
C ARG B 31 8.38 4.09 3.91
N PHE B 32 8.06 2.91 4.43
CA PHE B 32 7.92 2.70 5.89
C PHE B 32 9.18 3.06 6.69
N TYR B 33 8.94 3.51 7.92
CA TYR B 33 10.01 3.94 8.83
C TYR B 33 9.62 3.50 10.24
N GLN B 34 10.56 2.88 10.95
CA GLN B 34 10.27 2.39 12.30
C GLN B 34 10.43 3.48 13.33
N MET B 35 9.52 3.49 14.31
CA MET B 35 9.70 4.35 15.47
C MET B 35 8.87 3.86 16.65
N HIS B 36 9.30 4.24 17.85
CA HIS B 36 8.62 3.95 19.09
C HIS B 36 8.31 5.32 19.73
N LEU B 37 7.04 5.54 20.07
CA LEU B 37 6.52 6.78 20.64
C LEU B 37 6.01 6.59 22.06
N THR B 38 6.47 7.45 22.98
CA THR B 38 6.06 7.36 24.38
C THR B 38 5.77 8.73 25.01
N ILE B 39 4.55 8.91 25.51
CA ILE B 39 4.27 9.99 26.46
C ILE B 39 3.94 9.26 27.76
N PRO B 40 4.90 9.21 28.70
CA PRO B 40 4.78 8.32 29.86
C PRO B 40 3.45 8.49 30.59
N GLY B 41 2.74 7.38 30.76
CA GLY B 41 1.48 7.39 31.51
C GLY B 41 0.27 7.28 30.60
N ARG B 42 0.40 7.64 29.33
CA ARG B 42 -0.78 7.68 28.44
C ARG B 42 -0.58 7.28 26.98
N LEU B 43 0.68 7.16 26.55
CA LEU B 43 0.95 6.68 25.20
C LEU B 43 2.24 5.89 25.18
N ASP B 44 2.19 4.67 24.64
CA ASP B 44 3.41 3.88 24.47
C ASP B 44 3.19 2.86 23.37
N VAL B 45 3.72 3.18 22.19
CA VAL B 45 3.38 2.46 20.99
C VAL B 45 4.60 2.39 20.06
N MET B 46 4.75 1.29 19.36
CA MET B 46 5.90 1.11 18.49
C MET B 46 5.49 0.45 17.20
N GLY B 47 6.09 0.87 16.10
CA GLY B 47 5.83 0.21 14.83
C GLY B 47 6.54 0.88 13.70
N ALA B 48 5.81 1.12 12.63
CA ALA B 48 6.37 1.81 11.47
C ALA B 48 5.31 2.69 10.84
N SER B 49 5.76 3.70 10.11
CA SER B 49 4.86 4.72 9.58
C SER B 49 5.34 5.21 8.23
N LEU B 50 4.46 5.88 7.52
CA LEU B 50 4.78 6.48 6.22
C LEU B 50 5.41 7.84 6.46
N PRO B 51 6.23 8.35 5.50
CA PRO B 51 6.94 9.62 5.65
C PRO B 51 6.04 10.83 5.93
N GLY B 52 6.42 11.62 6.93
CA GLY B 52 5.74 12.86 7.24
C GLY B 52 4.64 12.74 8.30
N LEU B 53 4.31 11.52 8.71
CA LEU B 53 3.21 11.30 9.68
C LEU B 53 3.70 11.09 11.13
N PRO B 54 3.26 11.96 12.06
CA PRO B 54 3.69 11.87 13.45
C PRO B 54 2.86 10.89 14.31
N VAL B 55 2.55 9.73 13.74
CA VAL B 55 1.79 8.67 14.40
C VAL B 55 2.37 7.35 13.92
N VAL B 56 2.06 6.27 14.64
CA VAL B 56 2.44 4.94 14.21
C VAL B 56 1.29 4.35 13.35
N ASN B 57 1.61 3.89 12.14
CA ASN B 57 0.58 3.35 11.23
C ASN B 57 0.33 1.86 11.42
N ILE B 58 1.41 1.09 11.56
CA ILE B 58 1.33 -0.35 11.86
C ILE B 58 2.22 -0.61 13.10
N GLY B 59 1.68 -1.24 14.13
CA GLY B 59 2.46 -1.40 15.35
C GLY B 59 1.87 -2.22 16.46
N PHE B 60 2.32 -1.94 17.67
CA PHE B 60 1.88 -2.70 18.83
C PHE B 60 2.08 -1.85 20.07
N SER B 61 1.37 -2.24 21.12
CA SER B 61 1.50 -1.62 22.43
C SER B 61 1.47 -2.74 23.47
N ARG B 62 1.28 -2.38 24.74
CA ARG B 62 1.43 -3.36 25.83
C ARG B 62 0.56 -4.61 25.67
N HIS B 63 -0.69 -4.41 25.23
CA HIS B 63 -1.63 -5.53 25.15
C HIS B 63 -2.15 -5.80 23.74
N LEU B 64 -1.71 -5.01 22.76
CA LEU B 64 -2.33 -5.00 21.44
C LEU B 64 -1.32 -4.95 20.31
N ALA B 65 -1.60 -5.67 19.23
CA ALA B 65 -0.86 -5.47 17.97
C ALA B 65 -1.86 -5.33 16.83
N TRP B 66 -1.56 -4.48 15.86
CA TRP B 66 -2.46 -4.28 14.71
C TRP B 66 -1.67 -4.02 13.44
N THR B 67 -2.32 -4.30 12.31
CA THR B 67 -1.74 -4.01 11.01
C THR B 67 -2.86 -3.66 10.02
N HIS B 68 -2.48 -3.42 8.77
CA HIS B 68 -3.43 -3.04 7.73
C HIS B 68 -3.10 -3.73 6.42
N THR B 69 -4.12 -3.91 5.59
CA THR B 69 -3.94 -4.35 4.22
C THR B 69 -4.87 -3.54 3.33
N VAL B 70 -4.40 -3.19 2.13
CA VAL B 70 -5.25 -2.53 1.15
C VAL B 70 -6.48 -3.41 0.87
N ASP B 71 -7.67 -2.80 0.96
CA ASP B 71 -8.94 -3.53 0.83
C ASP B 71 -9.47 -3.49 -0.61
N THR B 72 -10.58 -4.19 -0.85
CA THR B 72 -11.19 -4.23 -2.18
C THR B 72 -12.41 -3.31 -2.29
N SER B 73 -12.68 -2.55 -1.23
CA SER B 73 -13.83 -1.64 -1.21
C SER B 73 -13.56 -0.44 -2.10
N SER B 74 -14.61 0.17 -2.61
CA SER B 74 -14.42 1.39 -3.40
C SER B 74 -14.31 2.57 -2.44
N HIS B 75 -13.42 3.50 -2.76
CA HIS B 75 -13.22 4.70 -1.94
C HIS B 75 -13.53 5.96 -2.71
N PHE B 76 -14.16 5.76 -3.87
CA PHE B 76 -14.59 6.82 -4.76
C PHE B 76 -15.69 6.27 -5.64
N THR B 77 -16.39 7.16 -6.33
CA THR B 77 -17.21 6.72 -7.47
C THR B 77 -16.97 7.63 -8.65
N LEU B 78 -16.94 7.01 -9.83
CA LEU B 78 -17.03 7.74 -11.08
C LEU B 78 -18.50 8.10 -11.32
N TYR B 79 -18.75 9.24 -11.95
CA TYR B 79 -20.10 9.58 -12.35
C TYR B 79 -20.09 9.82 -13.86
N ARG B 80 -20.90 9.05 -14.59
CA ARG B 80 -21.05 9.33 -16.01
C ARG B 80 -21.99 10.50 -16.17
N LEU B 81 -21.50 11.56 -16.80
CA LEU B 81 -22.30 12.75 -17.06
C LEU B 81 -23.02 12.64 -18.41
N ALA B 82 -24.29 13.02 -18.44
CA ALA B 82 -25.01 13.22 -19.68
C ALA B 82 -24.82 14.69 -20.06
N LEU B 83 -24.09 14.93 -21.15
CA LEU B 83 -23.79 16.30 -21.53
C LEU B 83 -25.01 16.99 -22.15
N ASP B 84 -25.08 18.29 -21.97
CA ASP B 84 -26.10 19.12 -22.62
C ASP B 84 -25.89 19.00 -24.13
N PRO B 85 -26.93 18.55 -24.88
CA PRO B 85 -26.73 18.37 -26.32
C PRO B 85 -26.33 19.66 -27.06
N LYS B 86 -26.58 20.82 -26.44
CA LYS B 86 -26.25 22.10 -27.05
C LYS B 86 -24.87 22.64 -26.62
N ASP B 87 -24.27 22.03 -25.60
CA ASP B 87 -23.05 22.57 -25.01
C ASP B 87 -22.30 21.49 -24.20
N PRO B 88 -21.15 21.03 -24.73
CA PRO B 88 -20.36 19.95 -24.09
C PRO B 88 -19.63 20.38 -22.81
N ARG B 89 -19.77 21.65 -22.43
CA ARG B 89 -19.23 22.14 -21.16
C ARG B 89 -20.35 22.33 -20.14
N ARG B 90 -21.53 21.81 -20.47
CA ARG B 90 -22.65 21.75 -19.55
C ARG B 90 -23.16 20.30 -19.44
N TYR B 91 -23.73 19.95 -18.29
CA TYR B 91 -24.19 18.58 -18.08
C TYR B 91 -25.58 18.57 -17.43
N LEU B 92 -26.32 17.49 -17.63
CA LEU B 92 -27.72 17.40 -17.22
C LEU B 92 -27.89 16.65 -15.90
N VAL B 93 -28.60 17.28 -14.96
CA VAL B 93 -29.02 16.60 -13.74
C VAL B 93 -30.53 16.80 -13.62
N ASP B 94 -31.28 15.69 -13.59
CA ASP B 94 -32.75 15.74 -13.61
C ASP B 94 -33.25 16.62 -14.76
N GLY B 95 -32.59 16.51 -15.91
CA GLY B 95 -33.01 17.22 -17.11
C GLY B 95 -32.65 18.68 -17.20
N ARG B 96 -31.94 19.20 -16.19
CA ARG B 96 -31.57 20.62 -16.15
C ARG B 96 -30.10 20.80 -16.48
N SER B 97 -29.79 21.76 -17.35
CA SER B 97 -28.41 21.96 -17.78
C SER B 97 -27.61 22.78 -16.77
N LEU B 98 -26.53 22.18 -16.25
CA LEU B 98 -25.65 22.83 -15.28
C LEU B 98 -24.29 23.16 -15.91
N PRO B 99 -23.69 24.31 -15.55
CA PRO B 99 -22.37 24.61 -16.10
C PRO B 99 -21.27 23.90 -15.33
N LEU B 100 -20.22 23.46 -16.02
CA LEU B 100 -19.01 23.02 -15.34
C LEU B 100 -18.28 24.22 -14.74
N GLU B 101 -17.67 24.02 -13.58
CA GLU B 101 -16.82 25.02 -12.98
C GLU B 101 -15.40 24.85 -13.50
N GLU B 102 -14.71 25.97 -13.66
CA GLU B 102 -13.34 25.95 -14.17
C GLU B 102 -12.43 26.51 -13.11
N LYS B 103 -11.48 25.69 -12.67
CA LYS B 103 -10.49 26.12 -11.70
C LYS B 103 -9.14 26.09 -12.40
N SER B 104 -8.49 27.24 -12.49
N SER B 104 -8.49 27.24 -12.51
CA SER B 104 -7.17 27.29 -13.10
CA SER B 104 -7.17 27.29 -13.12
C SER B 104 -6.08 27.22 -12.04
C SER B 104 -6.07 27.24 -12.07
N VAL B 105 -5.01 26.47 -12.35
CA VAL B 105 -3.82 26.44 -11.49
C VAL B 105 -2.65 26.93 -12.33
N ALA B 106 -1.70 27.58 -11.70
CA ALA B 106 -0.52 28.05 -12.39
C ALA B 106 0.71 27.33 -11.82
N ILE B 107 1.57 26.87 -12.72
CA ILE B 107 2.77 26.10 -12.36
C ILE B 107 4.00 26.79 -12.93
N GLU B 108 5.10 26.83 -12.18
CA GLU B 108 6.35 27.35 -12.72
C GLU B 108 7.15 26.18 -13.27
N VAL B 109 7.72 26.38 -14.45
CA VAL B 109 8.52 25.34 -15.10
C VAL B 109 9.93 25.86 -15.41
N ARG B 110 10.95 25.15 -14.93
CA ARG B 110 12.33 25.48 -15.23
C ARG B 110 12.68 24.97 -16.63
N GLY B 111 13.07 25.89 -17.51
CA GLY B 111 13.31 25.55 -18.90
C GLY B 111 14.76 25.18 -19.15
N ALA B 112 15.05 24.88 -20.41
CA ALA B 112 16.39 24.51 -20.86
C ALA B 112 17.43 25.61 -20.58
N ASP B 113 16.99 26.87 -20.66
CA ASP B 113 17.86 28.01 -20.33
C ASP B 113 18.05 28.23 -18.83
N GLY B 114 17.36 27.43 -18.01
CA GLY B 114 17.42 27.56 -16.54
C GLY B 114 16.49 28.60 -15.93
N LYS B 115 15.69 29.24 -16.77
CA LYS B 115 14.74 30.29 -16.36
C LYS B 115 13.35 29.69 -16.13
N LEU B 116 12.54 30.38 -15.31
CA LEU B 116 11.19 29.89 -15.01
C LEU B 116 10.17 30.50 -15.96
N SER B 117 9.22 29.69 -16.42
CA SER B 117 8.06 30.25 -17.12
C SER B 117 6.78 29.69 -16.51
N ARG B 118 5.70 30.47 -16.62
CA ARG B 118 4.43 30.14 -15.95
C ARG B 118 3.54 29.36 -16.90
N VAL B 119 3.02 28.23 -16.44
CA VAL B 119 2.08 27.44 -17.22
C VAL B 119 0.74 27.46 -16.51
N GLU B 120 -0.32 27.82 -17.23
CA GLU B 120 -1.66 27.80 -16.66
C GLU B 120 -2.44 26.64 -17.22
N HIS B 121 -3.18 25.96 -16.35
CA HIS B 121 -3.94 24.80 -16.72
C HIS B 121 -5.34 24.89 -16.14
N LYS B 122 -6.33 24.58 -16.95
CA LYS B 122 -7.74 24.57 -16.51
C LYS B 122 -8.23 23.19 -16.08
N VAL B 123 -8.70 23.09 -14.83
CA VAL B 123 -9.35 21.89 -14.31
C VAL B 123 -10.87 22.07 -14.28
N TYR B 124 -11.58 21.24 -15.05
CA TYR B 124 -13.03 21.32 -15.11
C TYR B 124 -13.64 20.50 -14.00
N GLN B 125 -14.64 21.06 -13.30
CA GLN B 125 -15.24 20.38 -12.17
C GLN B 125 -16.77 20.36 -12.28
N SER B 126 -17.36 19.24 -11.87
CA SER B 126 -18.80 19.14 -11.74
C SER B 126 -19.16 19.18 -10.26
N ILE B 127 -20.46 19.14 -9.96
CA ILE B 127 -20.93 19.01 -8.57
C ILE B 127 -20.37 17.79 -7.87
N TYR B 128 -19.92 16.78 -8.64
CA TYR B 128 -19.37 15.54 -8.08
C TYR B 128 -17.86 15.61 -7.79
N GLY B 129 -17.17 16.49 -8.50
CA GLY B 129 -15.72 16.49 -8.49
C GLY B 129 -15.17 16.72 -9.89
N PRO B 130 -13.86 16.58 -10.05
CA PRO B 130 -13.20 16.90 -11.32
C PRO B 130 -13.50 15.87 -12.40
N LEU B 131 -13.44 16.32 -13.64
CA LEU B 131 -13.60 15.42 -14.78
C LEU B 131 -12.29 14.66 -15.00
N VAL B 132 -12.42 13.42 -15.46
CA VAL B 132 -11.28 12.54 -15.72
C VAL B 132 -11.46 11.92 -17.09
N VAL B 133 -10.35 11.76 -17.82
CA VAL B 133 -10.35 11.13 -19.14
C VAL B 133 -9.38 9.94 -19.19
N TRP B 134 -9.91 8.77 -19.58
CA TRP B 134 -9.07 7.64 -20.02
C TRP B 134 -9.31 7.47 -21.51
N PRO B 135 -8.38 7.95 -22.35
CA PRO B 135 -8.61 7.92 -23.80
C PRO B 135 -9.03 6.53 -24.29
N GLY B 136 -10.17 6.46 -24.98
CA GLY B 136 -10.65 5.21 -25.55
C GLY B 136 -11.56 4.42 -24.63
N LYS B 137 -11.73 4.90 -23.41
CA LYS B 137 -12.60 4.24 -22.44
C LYS B 137 -13.52 5.23 -21.73
N LEU B 138 -12.94 6.21 -21.05
CA LEU B 138 -13.71 7.28 -20.42
C LEU B 138 -13.33 8.56 -21.13
N ASP B 139 -14.02 8.83 -22.24
CA ASP B 139 -13.71 10.01 -23.05
C ASP B 139 -14.57 11.19 -22.59
N TRP B 140 -14.23 12.37 -23.11
CA TRP B 140 -15.09 13.54 -22.98
C TRP B 140 -15.47 13.93 -24.40
N ASN B 141 -16.62 13.46 -24.86
CA ASN B 141 -17.10 13.78 -26.21
C ASN B 141 -18.29 14.73 -26.13
N ARG B 142 -19.15 14.75 -27.15
CA ARG B 142 -20.32 15.64 -27.13
C ARG B 142 -21.52 15.03 -26.43
N SER B 143 -21.42 13.75 -26.06
N SER B 143 -21.42 13.74 -26.07
CA SER B 143 -22.50 13.01 -25.43
CA SER B 143 -22.50 13.01 -25.43
C SER B 143 -22.26 12.79 -23.93
C SER B 143 -22.26 12.82 -23.93
N GLU B 144 -21.03 12.44 -23.57
CA GLU B 144 -20.73 12.09 -22.20
C GLU B 144 -19.36 12.51 -21.77
N ALA B 145 -19.20 12.60 -20.45
CA ALA B 145 -17.94 12.80 -19.76
C ALA B 145 -18.04 12.07 -18.41
N TYR B 146 -16.92 11.98 -17.69
CA TYR B 146 -16.84 11.29 -16.39
C TYR B 146 -16.25 12.20 -15.34
N ALA B 147 -16.93 12.30 -14.20
CA ALA B 147 -16.41 13.03 -13.05
C ALA B 147 -16.08 12.02 -11.96
N LEU B 148 -15.24 12.42 -11.01
CA LEU B 148 -14.79 11.50 -9.98
C LEU B 148 -15.04 12.11 -8.60
N ARG B 149 -15.84 11.43 -7.77
CA ARG B 149 -16.03 11.86 -6.39
C ARG B 149 -15.23 10.98 -5.44
N ASP B 150 -14.22 11.57 -4.80
CA ASP B 150 -13.32 10.86 -3.88
C ASP B 150 -13.86 11.01 -2.46
N ALA B 151 -14.13 9.90 -1.79
CA ALA B 151 -14.77 9.98 -0.46
C ALA B 151 -13.82 10.51 0.60
N ASN B 152 -12.53 10.30 0.38
CA ASN B 152 -11.53 10.73 1.36
C ASN B 152 -11.11 12.18 1.33
N LEU B 153 -11.52 12.91 0.30
CA LEU B 153 -11.33 14.36 0.28
C LEU B 153 -11.94 15.06 1.52
N GLU B 154 -13.04 14.51 2.03
CA GLU B 154 -13.72 15.08 3.20
C GLU B 154 -13.32 14.41 4.51
N ASN B 155 -12.44 13.42 4.43
CA ASN B 155 -11.96 12.69 5.59
C ASN B 155 -10.82 13.48 6.27
N THR B 156 -11.21 14.43 7.10
CA THR B 156 -10.25 15.22 7.85
C THR B 156 -9.83 14.49 9.14
N ARG B 157 -10.33 13.27 9.32
CA ARG B 157 -10.18 12.51 10.57
C ARG B 157 -9.01 11.51 10.56
N VAL B 158 -8.31 11.41 9.43
CA VAL B 158 -7.31 10.37 9.21
C VAL B 158 -6.16 10.30 10.25
N LEU B 159 -5.58 11.47 10.58
CA LEU B 159 -4.47 11.54 11.55
C LEU B 159 -4.96 11.30 12.97
N GLN B 160 -6.09 11.92 13.34
CA GLN B 160 -6.72 11.69 14.65
C GLN B 160 -7.01 10.19 14.79
N GLN B 161 -7.41 9.56 13.68
CA GLN B 161 -7.76 8.13 13.69
C GLN B 161 -6.60 7.24 14.05
N TRP B 162 -5.44 7.46 13.40
CA TRP B 162 -4.24 6.70 13.76
C TRP B 162 -3.70 7.02 15.14
N TYR B 163 -3.78 8.28 15.55
CA TYR B 163 -3.36 8.65 16.89
C TYR B 163 -4.26 7.95 17.93
N SER B 164 -5.54 7.86 17.62
CA SER B 164 -6.46 7.13 18.47
C SER B 164 -6.14 5.63 18.53
N ILE B 165 -5.89 5.00 17.37
CA ILE B 165 -5.42 3.62 17.34
C ILE B 165 -4.16 3.44 18.22
N ASN B 166 -3.24 4.42 18.14
CA ASN B 166 -2.00 4.42 18.91
C ASN B 166 -2.26 4.38 20.41
N GLN B 167 -3.43 4.87 20.81
CA GLN B 167 -3.81 4.95 22.22
C GLN B 167 -4.69 3.76 22.65
N ALA B 168 -5.03 2.88 21.72
CA ALA B 168 -5.94 1.76 22.01
C ALA B 168 -5.34 0.76 23.01
N SER B 169 -6.18 0.21 23.89
CA SER B 169 -5.70 -0.78 24.87
C SER B 169 -5.73 -2.21 24.35
N ASP B 170 -6.90 -2.67 23.90
CA ASP B 170 -7.06 -4.03 23.41
C ASP B 170 -7.91 -4.05 22.14
N VAL B 171 -8.28 -5.24 21.68
CA VAL B 171 -9.03 -5.40 20.43
C VAL B 171 -10.40 -4.70 20.49
N ALA B 172 -11.10 -4.86 21.61
CA ALA B 172 -12.43 -4.25 21.78
C ALA B 172 -12.34 -2.72 21.74
N ASP B 173 -11.33 -2.16 22.39
CA ASP B 173 -11.07 -0.73 22.40
C ASP B 173 -10.69 -0.22 21.01
N LEU B 174 -9.81 -0.95 20.34
CA LEU B 174 -9.43 -0.65 18.97
C LEU B 174 -10.66 -0.58 18.07
N ARG B 175 -11.52 -1.59 18.16
CA ARG B 175 -12.76 -1.60 17.37
C ARG B 175 -13.66 -0.39 17.65
N ARG B 176 -13.92 -0.11 18.93
CA ARG B 176 -14.67 1.09 19.31
C ARG B 176 -14.10 2.36 18.67
N ARG B 177 -12.78 2.51 18.74
CA ARG B 177 -12.10 3.73 18.31
C ARG B 177 -12.15 3.93 16.79
N VAL B 178 -12.04 2.84 16.05
CA VAL B 178 -12.11 2.88 14.58
C VAL B 178 -13.54 3.09 14.09
N GLU B 179 -14.49 2.37 14.69
CA GLU B 179 -15.90 2.49 14.29
C GLU B 179 -16.45 3.86 14.66
N ALA B 180 -15.97 4.43 15.77
CA ALA B 180 -16.46 5.72 16.23
C ALA B 180 -16.07 6.85 15.28
N LEU B 181 -14.83 6.82 14.80
CA LEU B 181 -14.30 7.95 14.05
C LEU B 181 -14.38 7.77 12.54
N GLN B 182 -14.29 6.52 12.08
CA GLN B 182 -14.32 6.16 10.66
C GLN B 182 -13.32 6.99 9.85
N GLY B 183 -12.08 7.05 10.34
CA GLY B 183 -11.06 7.85 9.68
C GLY B 183 -10.08 7.07 8.82
N ILE B 184 -10.20 5.74 8.76
CA ILE B 184 -9.30 4.93 7.96
CA ILE B 184 -9.31 4.91 7.95
C ILE B 184 -9.66 5.04 6.47
N PRO B 185 -8.70 5.48 5.62
CA PRO B 185 -9.09 5.78 4.23
C PRO B 185 -9.27 4.61 3.27
N TRP B 186 -8.34 3.65 3.22
CA TRP B 186 -8.40 2.62 2.18
C TRP B 186 -7.76 1.29 2.56
N VAL B 187 -7.76 0.98 3.86
CA VAL B 187 -7.24 -0.30 4.31
C VAL B 187 -8.18 -1.03 5.27
N ASN B 188 -8.07 -2.37 5.24
CA ASN B 188 -8.51 -3.24 6.32
C ASN B 188 -7.65 -3.01 7.57
N THR B 189 -8.17 -3.43 8.71
CA THR B 189 -7.39 -3.44 9.94
C THR B 189 -7.52 -4.84 10.52
N LEU B 190 -6.39 -5.43 10.89
CA LEU B 190 -6.41 -6.73 11.60
C LEU B 190 -5.59 -6.60 12.87
N ALA B 191 -6.00 -7.29 13.92
CA ALA B 191 -5.42 -7.07 15.24
C ALA B 191 -5.56 -8.29 16.10
N ALA B 192 -4.64 -8.41 17.06
CA ALA B 192 -4.73 -9.41 18.11
C ALA B 192 -4.32 -8.76 19.42
N ASP B 193 -4.87 -9.26 20.53
CA ASP B 193 -4.53 -8.72 21.84
C ASP B 193 -4.09 -9.82 22.78
N GLU B 194 -3.56 -9.45 23.96
CA GLU B 194 -3.04 -10.42 24.91
C GLU B 194 -4.09 -11.46 25.36
N GLN B 195 -5.33 -11.03 25.52
CA GLN B 195 -6.41 -11.92 25.97
C GLN B 195 -6.80 -12.96 24.92
N GLY B 196 -6.28 -12.83 23.70
CA GLY B 196 -6.45 -13.85 22.67
C GLY B 196 -7.59 -13.61 21.69
N ASN B 197 -7.99 -12.34 21.54
CA ASN B 197 -8.98 -11.98 20.52
C ASN B 197 -8.28 -11.71 19.18
N ALA B 198 -8.89 -12.19 18.09
CA ALA B 198 -8.42 -11.88 16.73
C ALA B 198 -9.49 -11.10 15.97
N LEU B 199 -9.12 -9.94 15.45
CA LEU B 199 -10.07 -9.02 14.86
C LEU B 199 -9.76 -8.72 13.40
N TYR B 200 -10.79 -8.81 12.56
CA TYR B 200 -10.70 -8.24 11.22
C TYR B 200 -11.77 -7.17 11.07
N MET B 201 -11.38 -6.02 10.51
CA MET B 201 -12.30 -4.94 10.20
C MET B 201 -12.05 -4.45 8.78
N ASN B 202 -13.12 -4.44 7.99
CA ASN B 202 -13.15 -3.79 6.69
C ASN B 202 -13.71 -2.38 6.96
N GLN B 203 -13.10 -1.67 7.92
CA GLN B 203 -13.66 -0.41 8.41
C GLN B 203 -12.91 0.81 7.87
N SER B 204 -13.41 1.32 6.75
CA SER B 204 -12.79 2.45 6.09
C SER B 204 -13.87 3.38 5.56
N VAL B 205 -13.44 4.38 4.78
CA VAL B 205 -14.33 5.38 4.22
C VAL B 205 -14.78 4.93 2.83
N VAL B 206 -16.07 4.62 2.72
CA VAL B 206 -16.65 3.97 1.54
C VAL B 206 -17.94 4.68 1.15
N PRO B 207 -18.06 5.14 -0.11
CA PRO B 207 -19.28 5.79 -0.60
C PRO B 207 -20.48 4.91 -0.30
N TYR B 208 -21.57 5.53 0.14
CA TYR B 208 -22.75 4.78 0.57
C TYR B 208 -23.88 5.03 -0.42
N LEU B 209 -24.45 3.95 -0.94
CA LEU B 209 -25.74 4.02 -1.64
C LEU B 209 -26.67 2.99 -1.03
N LYS B 210 -27.87 3.42 -0.66
CA LYS B 210 -28.88 2.47 -0.17
C LYS B 210 -29.07 1.35 -1.21
N PRO B 211 -29.28 0.09 -0.74
CA PRO B 211 -29.39 -1.10 -1.59
C PRO B 211 -30.32 -0.94 -2.80
N GLU B 212 -31.49 -0.34 -2.60
CA GLU B 212 -32.50 -0.22 -3.64
C GLU B 212 -32.10 0.75 -4.77
N LEU B 213 -31.04 1.54 -4.56
CA LEU B 213 -30.62 2.50 -5.58
C LEU B 213 -29.59 1.92 -6.54
N ILE B 214 -28.91 0.87 -6.12
CA ILE B 214 -27.79 0.29 -6.89
C ILE B 214 -28.17 -0.24 -8.29
N PRO B 215 -29.28 -1.01 -8.41
CA PRO B 215 -29.63 -1.51 -9.75
C PRO B 215 -29.76 -0.43 -10.82
N ALA B 216 -30.38 0.70 -10.50
CA ALA B 216 -30.56 1.75 -11.51
C ALA B 216 -29.46 2.79 -11.50
N CYS B 217 -28.70 2.90 -10.41
CA CYS B 217 -27.67 3.93 -10.33
C CYS B 217 -26.30 3.49 -10.88
N ALA B 218 -26.06 2.19 -10.97
CA ALA B 218 -24.78 1.69 -11.49
C ALA B 218 -24.72 1.85 -13.01
N ILE B 219 -23.51 2.02 -13.55
CA ILE B 219 -23.31 1.86 -15.00
C ILE B 219 -22.96 0.38 -15.21
N PRO B 220 -23.91 -0.40 -15.76
CA PRO B 220 -23.78 -1.86 -15.84
C PRO B 220 -22.46 -2.34 -16.45
N GLN B 221 -22.09 -1.77 -17.59
CA GLN B 221 -20.89 -2.18 -18.33
C GLN B 221 -19.57 -1.85 -17.60
N LEU B 222 -19.59 -0.81 -16.76
CA LEU B 222 -18.39 -0.43 -16.02
C LEU B 222 -18.25 -1.16 -14.69
N VAL B 223 -19.37 -1.33 -13.99
CA VAL B 223 -19.37 -2.06 -12.72
C VAL B 223 -18.97 -3.52 -12.97
N ALA B 224 -19.39 -4.09 -14.10
CA ALA B 224 -18.97 -5.43 -14.50
C ALA B 224 -17.45 -5.54 -14.60
N GLU B 225 -16.78 -4.44 -14.89
CA GLU B 225 -15.31 -4.40 -14.99
C GLU B 225 -14.65 -3.89 -13.72
N GLY B 226 -15.42 -3.80 -12.64
CA GLY B 226 -14.89 -3.45 -11.33
C GLY B 226 -14.64 -1.97 -11.10
N LEU B 227 -15.20 -1.11 -11.95
CA LEU B 227 -15.14 0.33 -11.71
C LEU B 227 -16.42 0.80 -11.01
N PRO B 228 -16.28 1.54 -9.90
CA PRO B 228 -17.46 2.03 -9.17
C PRO B 228 -18.08 3.22 -9.91
N ALA B 229 -18.93 2.96 -10.88
CA ALA B 229 -19.41 4.03 -11.74
C ALA B 229 -20.91 4.18 -11.57
N LEU B 230 -21.34 5.43 -11.42
CA LEU B 230 -22.77 5.71 -11.18
C LEU B 230 -23.34 6.67 -12.22
N GLN B 231 -24.67 6.74 -12.29
CA GLN B 231 -25.37 7.60 -13.23
C GLN B 231 -25.39 9.03 -12.68
N GLY B 232 -24.64 9.94 -13.32
CA GLY B 232 -24.51 11.32 -12.85
C GLY B 232 -25.54 12.31 -13.36
N GLN B 233 -26.54 11.81 -14.10
CA GLN B 233 -27.63 12.64 -14.62
C GLN B 233 -28.93 12.52 -13.78
N ASP B 234 -28.83 11.80 -12.67
CA ASP B 234 -29.98 11.57 -11.79
C ASP B 234 -29.56 11.96 -10.37
N SER B 235 -30.26 12.94 -9.79
CA SER B 235 -29.95 13.39 -8.42
C SER B 235 -30.13 12.29 -7.37
N ARG B 236 -30.95 11.29 -7.68
CA ARG B 236 -31.20 10.18 -6.75
C ARG B 236 -29.99 9.25 -6.64
N CYS B 237 -29.00 9.43 -7.51
CA CYS B 237 -27.77 8.63 -7.47
C CYS B 237 -26.62 9.29 -6.70
N ALA B 238 -26.94 10.40 -6.03
CA ALA B 238 -26.03 11.02 -5.05
C ALA B 238 -25.81 10.02 -3.92
N TRP B 239 -24.63 10.04 -3.30
CA TRP B 239 -24.38 9.16 -2.16
C TRP B 239 -25.43 9.41 -1.08
N SER B 240 -25.91 8.33 -0.47
CA SER B 240 -27.00 8.42 0.50
C SER B 240 -26.50 8.99 1.83
N ARG B 241 -27.38 9.71 2.51
CA ARG B 241 -27.08 10.31 3.81
C ARG B 241 -27.62 9.39 4.90
N ASP B 242 -26.81 9.13 5.92
CA ASP B 242 -27.26 8.38 7.07
C ASP B 242 -26.66 9.05 8.30
N PRO B 243 -27.52 9.51 9.22
CA PRO B 243 -27.07 10.24 10.41
C PRO B 243 -26.01 9.50 11.23
N ALA B 244 -25.99 8.17 11.15
CA ALA B 244 -25.04 7.36 11.90
C ALA B 244 -23.62 7.35 11.33
N ALA B 245 -23.46 7.77 10.07
CA ALA B 245 -22.10 7.85 9.49
C ALA B 245 -21.34 9.08 10.02
N ALA B 246 -20.03 8.93 10.18
CA ALA B 246 -19.20 10.01 10.73
C ALA B 246 -19.01 11.14 9.72
N GLN B 247 -19.34 10.87 8.46
CA GLN B 247 -19.12 11.81 7.39
C GLN B 247 -20.28 11.63 6.41
N ALA B 248 -20.84 12.75 5.94
CA ALA B 248 -22.00 12.69 5.04
C ALA B 248 -21.68 11.97 3.72
N GLY B 249 -22.49 10.97 3.38
CA GLY B 249 -22.28 10.21 2.14
C GLY B 249 -21.47 8.94 2.27
N ILE B 250 -20.93 8.66 3.45
CA ILE B 250 -20.16 7.42 3.65
C ILE B 250 -20.98 6.34 4.35
N THR B 251 -20.51 5.10 4.20
CA THR B 251 -21.21 3.94 4.76
C THR B 251 -21.06 3.92 6.29
N PRO B 252 -22.19 3.81 7.03
CA PRO B 252 -22.15 3.68 8.49
C PRO B 252 -21.35 2.45 8.91
N ALA B 253 -20.71 2.53 10.07
CA ALA B 253 -19.82 1.45 10.56
C ALA B 253 -20.50 0.08 10.71
N ALA B 254 -21.76 0.10 11.14
CA ALA B 254 -22.56 -1.12 11.33
C ALA B 254 -22.76 -1.92 10.05
N GLN B 255 -22.56 -1.27 8.91
CA GLN B 255 -22.82 -1.88 7.60
C GLN B 255 -21.54 -2.38 6.92
N LEU B 256 -20.41 -2.18 7.58
CA LEU B 256 -19.13 -2.64 7.06
C LEU B 256 -18.69 -3.95 7.74
N PRO B 257 -18.02 -4.85 7.01
CA PRO B 257 -17.66 -6.15 7.58
C PRO B 257 -16.71 -6.08 8.79
N VAL B 258 -17.05 -6.84 9.83
CA VAL B 258 -16.19 -7.03 11.00
C VAL B 258 -16.27 -8.52 11.39
N LEU B 259 -15.12 -9.12 11.68
CA LEU B 259 -15.09 -10.49 12.19
C LEU B 259 -14.25 -10.51 13.45
N LEU B 260 -14.88 -10.88 14.56
CA LEU B 260 -14.19 -10.97 15.84
C LEU B 260 -14.22 -12.42 16.28
N ARG B 261 -13.05 -13.05 16.30
CA ARG B 261 -12.97 -14.48 16.61
C ARG B 261 -11.85 -14.79 17.58
N ARG B 262 -11.77 -16.05 17.98
CA ARG B 262 -10.70 -16.53 18.88
C ARG B 262 -9.81 -17.59 18.24
N ASP B 263 -10.08 -17.96 16.99
CA ASP B 263 -9.16 -18.84 16.26
C ASP B 263 -8.16 -18.09 15.38
N PHE B 264 -8.59 -17.62 14.21
CA PHE B 264 -7.76 -16.75 13.36
C PHE B 264 -8.61 -15.88 12.46
N VAL B 265 -8.02 -14.78 12.00
CA VAL B 265 -8.48 -14.05 10.81
C VAL B 265 -7.26 -13.75 9.93
N GLN B 266 -7.48 -13.66 8.62
CA GLN B 266 -6.41 -13.35 7.68
C GLN B 266 -6.92 -12.48 6.53
N ASN B 267 -6.01 -11.75 5.91
CA ASN B 267 -6.31 -11.06 4.66
C ASN B 267 -5.06 -10.88 3.83
N SER B 268 -5.20 -11.15 2.53
CA SER B 268 -4.15 -10.88 1.54
C SER B 268 -4.70 -10.07 0.35
N ASN B 269 -5.37 -8.95 0.66
CA ASN B 269 -5.88 -7.99 -0.34
C ASN B 269 -7.12 -8.45 -1.11
N ASP B 270 -7.68 -9.60 -0.76
CA ASP B 270 -9.00 -9.98 -1.29
C ASP B 270 -10.07 -9.31 -0.45
N SER B 271 -11.33 -9.54 -0.80
CA SER B 271 -12.44 -8.98 -0.03
C SER B 271 -12.59 -9.63 1.36
N ALA B 272 -13.53 -9.12 2.14
CA ALA B 272 -13.84 -9.64 3.46
C ALA B 272 -14.28 -11.10 3.44
N TRP B 273 -14.77 -11.57 2.28
CA TRP B 273 -15.51 -12.82 2.19
C TRP B 273 -14.91 -14.00 3.00
N LEU B 274 -13.68 -14.38 2.69
CA LEU B 274 -13.07 -15.58 3.28
C LEU B 274 -11.95 -15.28 4.31
N THR B 275 -12.09 -14.14 5.00
CA THR B 275 -11.26 -13.77 6.14
C THR B 275 -11.05 -14.98 7.08
N ASN B 276 -12.16 -15.66 7.39
CA ASN B 276 -12.11 -17.00 7.98
C ASN B 276 -13.26 -17.83 7.36
N PRO B 277 -12.92 -18.84 6.56
CA PRO B 277 -13.91 -19.66 5.84
C PRO B 277 -14.96 -20.32 6.73
N ALA B 278 -14.65 -20.54 8.01
CA ALA B 278 -15.63 -21.15 8.92
C ALA B 278 -16.78 -20.20 9.18
N SER B 279 -16.57 -18.92 8.84
CA SER B 279 -17.54 -17.86 9.06
C SER B 279 -17.51 -16.81 7.92
N PRO B 280 -18.00 -17.20 6.72
CA PRO B 280 -17.89 -16.26 5.59
C PRO B 280 -18.62 -14.94 5.80
N LEU B 281 -18.06 -13.86 5.27
CA LEU B 281 -18.67 -12.55 5.36
C LEU B 281 -19.36 -12.25 4.04
N GLN B 282 -20.69 -12.11 4.09
CA GLN B 282 -21.54 -12.03 2.90
C GLN B 282 -22.66 -10.99 3.07
N GLY B 283 -23.29 -10.61 1.96
CA GLY B 283 -24.48 -9.76 2.00
C GLY B 283 -24.18 -8.28 2.16
N PHE B 284 -22.96 -7.88 1.81
CA PHE B 284 -22.58 -6.47 1.81
C PHE B 284 -22.78 -5.82 0.45
N SER B 285 -22.77 -4.49 0.44
CA SER B 285 -22.86 -3.73 -0.80
C SER B 285 -21.71 -4.11 -1.75
N PRO B 286 -21.97 -4.12 -3.07
CA PRO B 286 -20.89 -4.36 -4.04
C PRO B 286 -19.73 -3.35 -3.94
N LEU B 287 -20.02 -2.16 -3.40
CA LEU B 287 -18.98 -1.14 -3.18
C LEU B 287 -18.09 -1.49 -1.99
N VAL B 288 -18.56 -2.45 -1.19
CA VAL B 288 -17.94 -2.80 0.08
C VAL B 288 -17.14 -4.11 -0.03
N SER B 289 -17.83 -5.19 -0.39
CA SER B 289 -17.22 -6.51 -0.40
C SER B 289 -18.04 -7.46 -1.26
N GLN B 290 -17.34 -8.20 -2.11
CA GLN B 290 -17.97 -9.15 -3.02
C GLN B 290 -17.33 -10.52 -2.89
N GLU B 291 -18.09 -11.55 -3.24
CA GLU B 291 -17.60 -12.93 -3.19
C GLU B 291 -16.82 -13.28 -4.46
N LYS B 292 -15.65 -12.68 -4.63
CA LYS B 292 -14.77 -12.95 -5.77
C LYS B 292 -13.75 -14.03 -5.42
N PRO B 293 -13.27 -14.79 -6.42
CA PRO B 293 -12.26 -15.81 -6.11
C PRO B 293 -11.04 -15.18 -5.42
N ILE B 294 -10.51 -15.83 -4.39
CA ILE B 294 -9.37 -15.30 -3.67
C ILE B 294 -8.09 -15.51 -4.50
N GLY B 295 -7.12 -14.61 -4.31
CA GLY B 295 -5.81 -14.73 -4.94
C GLY B 295 -4.99 -15.83 -4.28
N PRO B 296 -3.86 -16.21 -4.91
CA PRO B 296 -3.08 -17.35 -4.41
C PRO B 296 -2.36 -17.09 -3.07
N ARG B 297 -2.11 -15.84 -2.71
CA ARG B 297 -1.52 -15.57 -1.38
C ARG B 297 -2.48 -15.96 -0.26
N ALA B 298 -3.75 -15.56 -0.36
CA ALA B 298 -4.76 -15.93 0.63
C ALA B 298 -5.02 -17.43 0.62
N ARG B 299 -5.03 -17.99 -0.58
CA ARG B 299 -5.25 -19.41 -0.74
C ARG B 299 -4.13 -20.20 -0.07
N TYR B 300 -2.88 -19.75 -0.26
CA TYR B 300 -1.74 -20.29 0.45
C TYR B 300 -1.89 -20.18 1.97
N ALA B 301 -2.20 -18.97 2.47
CA ALA B 301 -2.36 -18.76 3.90
C ALA B 301 -3.41 -19.69 4.50
N LEU B 302 -4.58 -19.79 3.85
CA LEU B 302 -5.66 -20.63 4.37
C LEU B 302 -5.30 -22.11 4.37
N SER B 303 -4.48 -22.53 3.40
CA SER B 303 -4.05 -23.93 3.34
C SER B 303 -3.14 -24.28 4.53
N ARG B 304 -2.53 -23.25 5.12
CA ARG B 304 -1.61 -23.40 6.25
C ARG B 304 -2.28 -23.12 7.60
N LEU B 305 -3.35 -22.34 7.59
CA LEU B 305 -4.01 -21.91 8.83
C LEU B 305 -5.16 -22.80 9.25
N GLN B 306 -5.87 -23.35 8.29
CA GLN B 306 -7.04 -24.17 8.61
C GLN B 306 -6.68 -25.48 9.31
N GLY B 307 -7.58 -25.95 10.16
CA GLY B 307 -7.35 -27.18 10.92
C GLY B 307 -7.36 -26.98 12.41
N LYS B 308 -6.72 -27.92 13.11
CA LYS B 308 -6.83 -28.02 14.57
C LYS B 308 -5.48 -27.86 15.29
N GLN B 309 -4.40 -27.90 14.53
CA GLN B 309 -3.07 -27.78 15.12
C GLN B 309 -2.75 -26.35 15.56
N PRO B 310 -2.10 -26.21 16.73
CA PRO B 310 -1.76 -24.90 17.26
C PRO B 310 -0.78 -24.17 16.34
N LEU B 311 -0.89 -22.85 16.30
CA LEU B 311 0.01 -22.05 15.51
C LEU B 311 1.00 -21.36 16.45
N GLU B 312 2.28 -21.56 16.19
CA GLU B 312 3.30 -20.82 16.94
C GLU B 312 3.89 -19.68 16.11
N ALA B 313 4.59 -18.78 16.78
CA ALA B 313 5.27 -17.67 16.11
C ALA B 313 6.10 -18.16 14.93
N LYS B 314 6.88 -19.21 15.16
CA LYS B 314 7.72 -19.86 14.14
C LYS B 314 6.93 -20.25 12.90
N THR B 315 5.71 -20.77 13.09
CA THR B 315 4.84 -21.12 11.98
C THR B 315 4.56 -19.90 11.09
N LEU B 316 4.20 -18.77 11.71
CA LEU B 316 3.86 -17.55 10.96
C LEU B 316 5.07 -16.95 10.27
N GLU B 317 6.21 -16.91 10.98
CA GLU B 317 7.47 -16.45 10.39
C GLU B 317 7.84 -17.25 9.12
N GLU B 318 7.75 -18.58 9.21
CA GLU B 318 8.15 -19.47 8.12
C GLU B 318 7.20 -19.44 6.92
N MET B 319 5.96 -19.04 7.13
CA MET B 319 5.05 -18.76 6.03
C MET B 319 5.57 -17.63 5.15
N VAL B 320 6.30 -16.70 5.77
CA VAL B 320 6.98 -15.66 5.00
C VAL B 320 8.31 -16.18 4.43
N THR B 321 9.18 -16.68 5.29
CA THR B 321 10.57 -16.99 4.91
C THR B 321 10.72 -18.26 4.06
N ALA B 322 9.67 -19.06 3.94
CA ALA B 322 9.72 -20.24 3.08
C ALA B 322 9.86 -19.86 1.59
N ASN B 323 9.38 -18.68 1.23
CA ASN B 323 9.32 -18.22 -0.17
C ASN B 323 8.66 -19.20 -1.12
N HIS B 324 7.60 -19.88 -0.64
CA HIS B 324 6.96 -20.91 -1.48
C HIS B 324 6.15 -20.26 -2.59
N VAL B 325 6.39 -20.69 -3.83
CA VAL B 325 5.63 -20.19 -4.98
C VAL B 325 4.34 -21.00 -5.12
N PHE B 326 3.31 -20.57 -4.39
CA PHE B 326 2.11 -21.40 -4.22
C PHE B 326 1.35 -21.67 -5.53
N SER B 327 1.42 -20.75 -6.48
CA SER B 327 0.81 -20.97 -7.82
C SER B 327 1.34 -22.22 -8.52
N ALA B 328 2.59 -22.59 -8.21
CA ALA B 328 3.16 -23.83 -8.73
C ALA B 328 2.35 -25.06 -8.33
N ASP B 329 1.77 -25.04 -7.13
CA ASP B 329 0.92 -26.15 -6.64
C ASP B 329 -0.24 -26.49 -7.58
N GLN B 330 -0.79 -25.48 -8.24
CA GLN B 330 -1.96 -25.70 -9.10
C GLN B 330 -1.58 -26.12 -10.53
N VAL B 331 -0.36 -25.75 -10.93
CA VAL B 331 0.00 -25.79 -12.33
C VAL B 331 1.17 -26.74 -12.63
N LEU B 332 2.19 -26.70 -11.78
CA LEU B 332 3.45 -27.42 -12.05
C LEU B 332 3.35 -28.96 -12.17
N PRO B 333 2.51 -29.62 -11.34
CA PRO B 333 2.41 -31.08 -11.53
C PRO B 333 2.00 -31.48 -12.96
N ASP B 334 0.93 -30.87 -13.47
CA ASP B 334 0.44 -31.17 -14.84
C ASP B 334 1.40 -30.67 -15.91
N LEU B 335 2.08 -29.55 -15.64
CA LEU B 335 3.08 -29.02 -16.56
C LEU B 335 4.25 -30.00 -16.72
N LEU B 336 4.67 -30.59 -15.61
CA LEU B 336 5.73 -31.60 -15.65
C LEU B 336 5.29 -32.87 -16.40
N ARG B 337 4.00 -33.21 -16.29
CA ARG B 337 3.43 -34.33 -17.07
C ARG B 337 3.56 -34.06 -18.56
N LEU B 338 3.20 -32.84 -18.97
CA LEU B 338 3.33 -32.40 -20.35
C LEU B 338 4.79 -32.48 -20.82
N CYS B 339 5.72 -32.05 -19.97
CA CYS B 339 7.16 -32.16 -20.22
C CYS B 339 7.60 -33.59 -20.53
N ARG B 340 7.21 -34.54 -19.67
CA ARG B 340 7.54 -35.96 -19.85
C ARG B 340 6.91 -36.49 -21.13
N ASP B 341 5.75 -35.95 -21.49
CA ASP B 341 5.07 -36.31 -22.73
C ASP B 341 5.74 -35.78 -24.00
N ASN B 342 6.71 -34.87 -23.85
CA ASN B 342 7.34 -34.22 -25.01
C ASN B 342 8.87 -34.23 -24.94
N GLN B 343 9.43 -35.37 -24.55
CA GLN B 343 10.88 -35.49 -24.38
C GLN B 343 11.65 -35.41 -25.70
N GLY B 344 10.94 -35.55 -26.82
CA GLY B 344 11.53 -35.38 -28.13
C GLY B 344 11.72 -33.94 -28.58
N GLU B 345 11.10 -33.00 -27.88
CA GLU B 345 11.10 -31.59 -28.30
C GLU B 345 12.28 -30.81 -27.75
N LYS B 346 13.25 -30.52 -28.62
CA LYS B 346 14.44 -29.77 -28.21
C LYS B 346 14.15 -28.32 -27.80
N SER B 347 13.03 -27.77 -28.27
CA SER B 347 12.61 -26.44 -27.84
C SER B 347 12.14 -26.42 -26.38
N LEU B 348 11.84 -27.59 -25.83
CA LEU B 348 11.32 -27.70 -24.45
C LEU B 348 12.33 -28.26 -23.46
N ALA B 349 13.41 -28.86 -23.96
CA ALA B 349 14.40 -29.56 -23.12
C ALA B 349 14.90 -28.74 -21.92
N ARG B 350 15.52 -27.58 -22.19
CA ARG B 350 16.06 -26.72 -21.12
C ARG B 350 14.99 -26.28 -20.11
N ALA B 351 13.84 -25.84 -20.63
CA ALA B 351 12.72 -25.40 -19.78
C ALA B 351 12.27 -26.51 -18.84
N CYS B 352 12.02 -27.69 -19.41
CA CYS B 352 11.51 -28.85 -18.66
C CYS B 352 12.50 -29.37 -17.61
N ALA B 353 13.78 -29.42 -17.96
CA ALA B 353 14.82 -29.77 -16.98
C ALA B 353 14.85 -28.77 -15.82
N ALA B 354 14.80 -27.48 -16.14
CA ALA B 354 14.83 -26.41 -15.12
C ALA B 354 13.64 -26.48 -14.17
N LEU B 355 12.46 -26.74 -14.73
CA LEU B 355 11.23 -26.88 -13.94
C LEU B 355 11.23 -28.15 -13.09
N ALA B 356 11.82 -29.23 -13.61
CA ALA B 356 11.91 -30.50 -12.89
C ALA B 356 12.84 -30.40 -11.68
N GLN B 357 13.92 -29.64 -11.84
CA GLN B 357 14.93 -29.49 -10.78
C GLN B 357 14.56 -28.40 -9.75
N TRP B 358 13.56 -27.58 -10.08
CA TRP B 358 13.20 -26.41 -9.28
C TRP B 358 12.62 -26.78 -7.92
N ASP B 359 13.02 -26.06 -6.87
CA ASP B 359 12.54 -26.31 -5.51
C ASP B 359 11.17 -25.65 -5.24
N ARG B 360 10.55 -25.12 -6.29
CA ARG B 360 9.23 -24.47 -6.20
C ARG B 360 9.25 -23.21 -5.31
N GLY B 361 10.43 -22.62 -5.18
CA GLY B 361 10.58 -21.46 -4.31
C GLY B 361 11.16 -20.23 -4.97
N ALA B 362 11.08 -19.11 -4.26
CA ALA B 362 11.73 -17.86 -4.65
C ALA B 362 12.84 -17.52 -3.63
N ASN B 363 13.53 -18.57 -3.20
CA ASN B 363 14.73 -18.45 -2.36
C ASN B 363 15.91 -17.92 -3.16
N LEU B 364 16.93 -17.42 -2.46
CA LEU B 364 18.16 -16.99 -3.10
C LEU B 364 18.79 -18.09 -3.96
N ASP B 365 18.74 -19.33 -3.48
N ASP B 365 18.74 -19.33 -3.48
CA ASP B 365 19.35 -20.47 -4.18
CA ASP B 365 19.35 -20.47 -4.17
C ASP B 365 18.38 -21.23 -5.08
C ASP B 365 18.38 -21.22 -5.10
N SER B 366 17.17 -20.72 -5.24
CA SER B 366 16.19 -21.32 -6.16
C SER B 366 16.69 -21.24 -7.61
N GLY B 367 16.53 -22.33 -8.34
CA GLY B 367 17.05 -22.41 -9.71
C GLY B 367 16.24 -21.64 -10.73
N SER B 368 16.77 -21.56 -11.96
CA SER B 368 16.13 -20.84 -13.06
C SER B 368 14.72 -21.34 -13.42
N GLY B 369 14.33 -22.49 -12.88
CA GLY B 369 12.95 -22.97 -12.97
C GLY B 369 11.91 -21.93 -12.57
N PHE B 370 12.19 -21.12 -11.54
CA PHE B 370 11.30 -20.02 -11.15
C PHE B 370 11.09 -19.02 -12.30
N VAL B 371 12.18 -18.68 -13.00
CA VAL B 371 12.10 -17.76 -14.14
C VAL B 371 11.27 -18.35 -15.28
N TYR B 372 11.49 -19.63 -15.61
CA TYR B 372 10.70 -20.31 -16.63
C TYR B 372 9.23 -20.38 -16.23
N PHE B 373 8.98 -20.69 -14.96
CA PHE B 373 7.61 -20.75 -14.44
C PHE B 373 6.90 -19.40 -14.52
N GLN B 374 7.60 -18.33 -14.15
CA GLN B 374 7.05 -16.96 -14.28
C GLN B 374 6.61 -16.62 -15.71
N ARG B 375 7.50 -16.82 -16.68
CA ARG B 375 7.20 -16.49 -18.08
C ARG B 375 6.10 -17.38 -18.67
N PHE B 376 6.02 -18.62 -18.19
CA PHE B 376 4.94 -19.53 -18.58
C PHE B 376 3.61 -19.06 -18.02
N MET B 377 3.59 -18.70 -16.74
CA MET B 377 2.36 -18.27 -16.07
C MET B 377 1.77 -17.00 -16.66
N GLN B 378 2.65 -16.09 -17.09
CA GLN B 378 2.23 -14.86 -17.77
C GLN B 378 1.42 -15.16 -19.03
N ARG B 379 1.80 -16.22 -19.74
CA ARG B 379 1.08 -16.66 -20.91
C ARG B 379 -0.12 -17.55 -20.57
N PHE B 380 0.05 -18.40 -19.55
CA PHE B 380 -1.03 -19.29 -19.11
C PHE B 380 -2.25 -18.47 -18.70
N ALA B 381 -2.00 -17.36 -18.01
CA ALA B 381 -3.04 -16.41 -17.57
C ALA B 381 -3.90 -15.87 -18.70
N GLU B 382 -3.41 -15.99 -19.94
CA GLU B 382 -4.12 -15.46 -21.10
C GLU B 382 -4.86 -16.51 -21.91
N LEU B 383 -4.66 -17.79 -21.56
CA LEU B 383 -5.34 -18.88 -22.26
C LEU B 383 -6.78 -19.04 -21.75
N ASP B 384 -7.68 -19.42 -22.66
CA ASP B 384 -9.08 -19.59 -22.32
C ASP B 384 -9.39 -21.04 -21.92
N GLY B 385 -10.05 -21.21 -20.76
CA GLY B 385 -10.50 -22.52 -20.27
C GLY B 385 -9.44 -23.60 -20.19
N ALA B 386 -8.25 -23.24 -19.72
CA ALA B 386 -7.13 -24.18 -19.62
C ALA B 386 -7.05 -24.90 -18.26
N TRP B 387 -7.87 -24.47 -17.31
CA TRP B 387 -7.93 -25.09 -15.98
C TRP B 387 -8.63 -26.45 -16.06
N LYS B 388 -8.03 -27.49 -15.47
CA LYS B 388 -8.70 -28.78 -15.38
C LYS B 388 -9.95 -28.64 -14.52
N GLU B 389 -9.80 -28.06 -13.34
CA GLU B 389 -10.92 -27.67 -12.51
C GLU B 389 -10.98 -26.16 -12.48
N PRO B 390 -12.03 -25.57 -13.08
CA PRO B 390 -12.22 -24.11 -13.01
C PRO B 390 -12.62 -23.70 -11.59
N PHE B 391 -12.62 -22.40 -11.32
CA PHE B 391 -13.07 -21.91 -10.02
C PHE B 391 -14.50 -22.38 -9.73
N ASP B 392 -14.67 -22.96 -8.55
CA ASP B 392 -15.95 -23.45 -8.08
C ASP B 392 -16.25 -22.71 -6.78
N ALA B 393 -17.33 -21.93 -6.77
CA ALA B 393 -17.73 -21.14 -5.58
C ALA B 393 -18.02 -22.02 -4.36
N GLN B 394 -18.36 -23.29 -4.60
CA GLN B 394 -18.58 -24.26 -3.52
C GLN B 394 -17.30 -24.96 -3.08
N ARG B 395 -16.21 -24.70 -3.80
CA ARG B 395 -14.88 -25.15 -3.42
C ARG B 395 -13.89 -23.98 -3.60
N PRO B 396 -14.14 -22.84 -2.91
CA PRO B 396 -13.39 -21.60 -3.19
C PRO B 396 -11.93 -21.62 -2.73
N LEU B 397 -11.53 -22.64 -1.97
CA LEU B 397 -10.17 -22.75 -1.45
C LEU B 397 -9.31 -23.73 -2.25
N ASP B 398 -9.95 -24.58 -3.06
CA ASP B 398 -9.27 -25.69 -3.74
C ASP B 398 -9.37 -25.65 -5.26
N THR B 399 -10.03 -24.62 -5.77
CA THR B 399 -10.13 -24.39 -7.21
C THR B 399 -9.76 -22.95 -7.49
N PRO B 400 -9.21 -22.66 -8.69
CA PRO B 400 -8.91 -23.57 -9.79
C PRO B 400 -7.67 -24.45 -9.54
N GLN B 401 -7.58 -25.56 -10.27
CA GLN B 401 -6.53 -26.55 -10.07
C GLN B 401 -6.27 -27.34 -11.35
N GLY B 402 -5.00 -27.50 -11.70
CA GLY B 402 -4.60 -28.39 -12.79
C GLY B 402 -4.78 -27.82 -14.20
N ILE B 403 -4.11 -28.47 -15.15
CA ILE B 403 -4.23 -28.12 -16.56
C ILE B 403 -5.12 -29.16 -17.26
N ALA B 404 -6.08 -28.69 -18.05
CA ALA B 404 -7.00 -29.58 -18.77
C ALA B 404 -6.34 -30.24 -19.98
N LEU B 405 -5.23 -30.93 -19.74
CA LEU B 405 -4.42 -31.55 -20.79
C LEU B 405 -5.17 -32.57 -21.65
N ASP B 406 -6.26 -33.13 -21.12
CA ASP B 406 -7.08 -34.09 -21.87
C ASP B 406 -7.89 -33.44 -23.00
N ARG B 407 -8.00 -32.12 -22.97
CA ARG B 407 -8.54 -31.37 -24.11
C ARG B 407 -7.42 -31.04 -25.09
N PRO B 408 -7.46 -31.61 -26.31
CA PRO B 408 -6.39 -31.42 -27.29
C PRO B 408 -6.07 -29.95 -27.58
N GLN B 409 -7.08 -29.09 -27.59
CA GLN B 409 -6.90 -27.67 -27.86
C GLN B 409 -6.15 -26.96 -26.73
N VAL B 410 -6.32 -27.44 -25.50
CA VAL B 410 -5.59 -26.91 -24.36
C VAL B 410 -4.13 -27.39 -24.38
N ALA B 411 -3.93 -28.68 -24.59
CA ALA B 411 -2.58 -29.27 -24.65
C ALA B 411 -1.69 -28.55 -25.66
N THR B 412 -2.25 -28.26 -26.84
CA THR B 412 -1.56 -27.51 -27.89
C THR B 412 -1.14 -26.12 -27.43
N GLN B 413 -2.09 -25.37 -26.89
CA GLN B 413 -1.85 -23.99 -26.44
C GLN B 413 -0.90 -23.93 -25.24
N VAL B 414 -1.02 -24.90 -24.34
CA VAL B 414 -0.16 -24.95 -23.15
C VAL B 414 1.29 -25.25 -23.55
N ARG B 415 1.46 -26.19 -24.48
CA ARG B 415 2.79 -26.51 -25.00
C ARG B 415 3.39 -25.31 -25.71
N GLN B 416 2.58 -24.64 -26.52
CA GLN B 416 3.02 -23.44 -27.24
C GLN B 416 3.45 -22.33 -26.29
N ALA B 417 2.66 -22.11 -25.23
CA ALA B 417 2.99 -21.13 -24.20
C ALA B 417 4.32 -21.45 -23.52
N LEU B 418 4.55 -22.73 -23.23
CA LEU B 418 5.82 -23.17 -22.65
C LEU B 418 6.97 -22.98 -23.63
N ALA B 419 6.73 -23.29 -24.91
CA ALA B 419 7.72 -23.07 -25.97
C ALA B 419 8.07 -21.59 -26.08
N ASP B 420 7.05 -20.74 -26.06
CA ASP B 420 7.23 -19.28 -26.14
C ASP B 420 7.91 -18.70 -24.90
N ALA B 421 7.54 -19.20 -23.72
CA ALA B 421 8.18 -18.78 -22.47
C ALA B 421 9.66 -19.16 -22.46
N ALA B 422 9.97 -20.39 -22.89
CA ALA B 422 11.34 -20.87 -22.95
C ALA B 422 12.19 -20.02 -23.90
N ALA B 423 11.65 -19.73 -25.07
CA ALA B 423 12.32 -18.86 -26.04
C ALA B 423 12.64 -17.49 -25.45
N GLU B 424 11.69 -16.91 -24.72
CA GLU B 424 11.89 -15.61 -24.06
C GLU B 424 13.00 -15.64 -23.00
N VAL B 425 12.99 -16.68 -22.16
CA VAL B 425 14.00 -16.83 -21.12
C VAL B 425 15.38 -17.00 -21.74
N GLU B 426 15.45 -17.77 -22.81
CA GLU B 426 16.72 -18.04 -23.47
C GLU B 426 17.22 -16.87 -24.32
N LYS B 427 16.30 -16.04 -24.80
CA LYS B 427 16.65 -14.82 -25.54
C LYS B 427 17.31 -13.81 -24.59
N SER B 428 16.87 -13.79 -23.33
CA SER B 428 17.46 -12.92 -22.31
C SER B 428 18.92 -13.32 -22.03
N GLY B 429 19.63 -12.49 -21.28
CA GLY B 429 21.03 -12.74 -20.98
C GLY B 429 21.26 -13.45 -19.66
N ILE B 430 20.53 -14.53 -19.42
CA ILE B 430 20.67 -15.29 -18.18
C ILE B 430 21.30 -16.66 -18.43
N PRO B 431 22.51 -16.92 -17.87
CA PRO B 431 23.04 -18.28 -17.94
C PRO B 431 22.14 -19.23 -17.14
N ASP B 432 22.03 -20.48 -17.59
CA ASP B 432 21.10 -21.43 -16.96
C ASP B 432 21.54 -21.89 -15.57
N GLY B 433 22.82 -21.72 -15.25
CA GLY B 433 23.36 -21.98 -13.90
C GLY B 433 23.01 -20.92 -12.87
N ALA B 434 22.63 -19.73 -13.33
CA ALA B 434 22.27 -18.62 -12.44
C ALA B 434 21.06 -18.98 -11.59
N ARG B 435 21.09 -18.54 -10.34
CA ARG B 435 19.99 -18.76 -9.43
C ARG B 435 19.23 -17.45 -9.16
N TRP B 436 18.05 -17.55 -8.56
CA TRP B 436 17.15 -16.39 -8.41
C TRP B 436 17.84 -15.18 -7.75
N GLY B 437 18.59 -15.45 -6.68
CA GLY B 437 19.34 -14.41 -5.97
C GLY B 437 20.46 -13.76 -6.77
N ASP B 438 20.91 -14.42 -7.85
CA ASP B 438 21.85 -13.82 -8.79
C ASP B 438 21.15 -12.75 -9.64
N LEU B 439 19.82 -12.83 -9.72
CA LEU B 439 19.04 -11.98 -10.61
C LEU B 439 18.34 -10.86 -9.86
N GLN B 440 17.66 -11.20 -8.77
CA GLN B 440 16.89 -10.22 -8.04
C GLN B 440 17.68 -9.58 -6.91
N VAL B 441 17.84 -8.26 -6.99
CA VAL B 441 18.72 -7.50 -6.11
C VAL B 441 18.14 -6.15 -5.67
N SER B 442 18.72 -5.59 -4.60
CA SER B 442 18.52 -4.19 -4.25
C SER B 442 19.87 -3.51 -4.26
N THR B 443 19.98 -2.46 -5.06
CA THR B 443 21.22 -1.72 -5.21
C THR B 443 21.41 -0.80 -4.02
N ARG B 444 22.65 -0.76 -3.52
N ARG B 444 22.65 -0.77 -3.52
CA ARG B 444 23.03 0.08 -2.40
CA ARG B 444 23.04 0.08 -2.39
C ARG B 444 24.39 0.67 -2.76
C ARG B 444 24.40 0.66 -2.78
N GLY B 445 24.40 1.95 -3.13
CA GLY B 445 25.59 2.59 -3.67
C GLY B 445 25.95 1.94 -5.01
N GLN B 446 27.15 1.39 -5.08
CA GLN B 446 27.61 0.69 -6.29
C GLN B 446 27.50 -0.83 -6.15
N GLU B 447 26.98 -1.29 -5.02
CA GLU B 447 26.82 -2.73 -4.81
C GLU B 447 25.37 -3.19 -4.85
N ARG B 448 25.20 -4.49 -4.93
CA ARG B 448 23.89 -5.12 -4.99
C ARG B 448 23.77 -6.12 -3.85
N ILE B 449 22.58 -6.21 -3.26
CA ILE B 449 22.26 -7.22 -2.27
C ILE B 449 21.17 -8.14 -2.82
N ALA B 450 21.43 -9.45 -2.83
CA ALA B 450 20.46 -10.46 -3.27
C ALA B 450 19.19 -10.46 -2.39
N ILE B 451 18.01 -10.48 -3.02
CA ILE B 451 16.74 -10.35 -2.28
C ILE B 451 15.81 -11.53 -2.58
N PRO B 452 15.43 -12.32 -1.55
CA PRO B 452 14.51 -13.44 -1.73
C PRO B 452 13.06 -12.98 -1.80
N GLY B 453 12.21 -13.81 -2.41
CA GLY B 453 10.82 -13.46 -2.61
C GLY B 453 10.49 -13.30 -4.08
N GLY B 454 9.20 -13.23 -4.37
CA GLY B 454 8.74 -13.14 -5.74
C GLY B 454 7.38 -12.50 -5.80
N ASP B 455 6.90 -12.27 -7.01
CA ASP B 455 5.65 -11.52 -7.17
C ASP B 455 4.47 -12.21 -6.49
N GLY B 456 3.67 -11.42 -5.78
CA GLY B 456 2.50 -11.92 -5.06
C GLY B 456 1.51 -12.62 -5.98
N HIS B 457 1.51 -12.23 -7.27
CA HIS B 457 0.61 -12.85 -8.25
C HIS B 457 0.96 -14.33 -8.51
N PHE B 458 2.17 -14.76 -8.15
CA PHE B 458 2.55 -16.18 -8.24
C PHE B 458 2.37 -16.92 -6.91
N GLY B 459 1.69 -16.26 -5.96
CA GLY B 459 1.40 -16.86 -4.66
C GLY B 459 2.59 -16.95 -3.71
N VAL B 460 3.59 -16.07 -3.87
CA VAL B 460 4.68 -16.02 -2.91
C VAL B 460 4.25 -15.10 -1.78
N TYR B 461 4.12 -15.64 -0.57
CA TYR B 461 3.63 -14.85 0.57
C TYR B 461 4.59 -13.67 0.83
N ASN B 462 5.89 -13.94 0.80
CA ASN B 462 6.92 -12.91 0.78
C ASN B 462 6.94 -12.23 -0.60
N ALA B 463 5.99 -11.34 -0.83
CA ALA B 463 5.83 -10.72 -2.15
C ALA B 463 6.90 -9.67 -2.38
N ILE B 464 7.58 -9.79 -3.52
CA ILE B 464 8.59 -8.82 -3.94
C ILE B 464 8.34 -8.51 -5.42
N GLN B 465 8.26 -7.23 -5.76
CA GLN B 465 8.11 -6.81 -7.14
C GLN B 465 9.42 -6.19 -7.59
N SER B 466 9.88 -6.59 -8.77
N SER B 466 9.89 -6.60 -8.76
CA SER B 466 11.13 -6.07 -9.33
CA SER B 466 11.13 -6.06 -9.31
C SER B 466 10.94 -5.64 -10.77
C SER B 466 10.99 -5.69 -10.78
N VAL B 467 11.83 -4.77 -11.24
CA VAL B 467 11.87 -4.34 -12.64
C VAL B 467 13.27 -4.51 -13.21
N ARG B 468 13.35 -4.84 -14.50
CA ARG B 468 14.62 -5.00 -15.17
C ARG B 468 15.34 -3.65 -15.22
N LYS B 469 16.56 -3.61 -14.68
CA LYS B 469 17.44 -2.44 -14.74
C LYS B 469 18.87 -2.93 -14.85
N GLY B 470 19.56 -2.51 -15.92
CA GLY B 470 20.88 -3.03 -16.23
C GLY B 470 20.79 -4.52 -16.49
N ASP B 471 21.58 -5.30 -15.75
CA ASP B 471 21.63 -6.75 -15.95
C ASP B 471 20.93 -7.53 -14.84
N HIS B 472 20.08 -6.84 -14.09
CA HIS B 472 19.44 -7.43 -12.90
C HIS B 472 17.98 -7.03 -12.79
N LEU B 473 17.25 -7.69 -11.89
CA LEU B 473 15.92 -7.28 -11.53
C LEU B 473 16.05 -6.47 -10.23
N GLU B 474 15.74 -5.18 -10.32
CA GLU B 474 15.83 -4.26 -9.18
C GLU B 474 14.52 -4.25 -8.40
N VAL B 475 14.60 -4.55 -7.11
CA VAL B 475 13.41 -4.55 -6.25
C VAL B 475 12.82 -3.12 -6.16
N VAL B 476 11.51 -3.00 -6.39
CA VAL B 476 10.83 -1.69 -6.28
C VAL B 476 9.82 -1.64 -5.13
N GLY B 477 9.31 -2.80 -4.73
CA GLY B 477 8.29 -2.85 -3.68
C GLY B 477 8.07 -4.26 -3.21
N GLY B 478 7.31 -4.40 -2.12
CA GLY B 478 7.01 -5.70 -1.53
C GLY B 478 7.20 -5.69 -0.03
N THR B 479 7.54 -6.84 0.50
CA THR B 479 7.85 -6.98 1.93
C THR B 479 8.74 -5.81 2.38
N SER B 480 8.31 -5.17 3.47
CA SER B 480 8.80 -3.86 3.85
C SER B 480 9.00 -3.89 5.35
N TYR B 481 8.01 -3.41 6.10
CA TYR B 481 8.05 -3.55 7.55
C TYR B 481 7.46 -4.90 7.96
N ILE B 482 8.26 -5.71 8.64
CA ILE B 482 7.80 -7.00 9.15
C ILE B 482 7.69 -6.92 10.66
N GLN B 483 6.54 -7.32 11.19
CA GLN B 483 6.35 -7.33 12.62
C GLN B 483 5.58 -8.60 13.01
N LEU B 484 6.14 -9.38 13.92
CA LEU B 484 5.50 -10.57 14.45
C LEU B 484 5.43 -10.42 15.97
N VAL B 485 4.21 -10.25 16.49
CA VAL B 485 4.03 -9.92 17.91
C VAL B 485 3.33 -11.05 18.66
N THR B 486 3.91 -11.42 19.80
CA THR B 486 3.26 -12.30 20.77
C THR B 486 3.25 -11.60 22.13
N PHE B 487 2.58 -12.20 23.11
CA PHE B 487 2.38 -11.55 24.40
C PHE B 487 2.75 -12.41 25.60
N PRO B 488 4.06 -12.74 25.77
CA PRO B 488 4.43 -13.46 26.99
C PRO B 488 4.34 -12.56 28.22
N GLU B 489 4.36 -13.16 29.42
CA GLU B 489 4.07 -12.45 30.67
C GLU B 489 4.85 -11.15 30.86
N GLU B 490 6.13 -11.16 30.51
CA GLU B 490 7.02 -10.00 30.70
C GLU B 490 6.62 -8.73 29.92
N GLY B 491 5.98 -8.90 28.77
CA GLY B 491 5.63 -7.75 27.91
C GLY B 491 5.67 -8.18 26.46
N PRO B 492 5.15 -7.34 25.54
CA PRO B 492 5.05 -7.83 24.16
C PRO B 492 6.41 -8.19 23.55
N LYS B 493 6.45 -9.34 22.88
CA LYS B 493 7.66 -9.75 22.18
C LYS B 493 7.42 -9.54 20.69
N ALA B 494 8.15 -8.58 20.12
CA ALA B 494 8.03 -8.24 18.70
C ALA B 494 9.31 -8.60 17.96
N ARG B 495 9.13 -9.27 16.83
CA ARG B 495 10.23 -9.75 16.04
C ARG B 495 9.98 -9.36 14.58
N GLY B 496 11.03 -8.94 13.88
CA GLY B 496 10.87 -8.56 12.50
C GLY B 496 12.06 -7.80 11.95
N LEU B 497 11.78 -6.94 10.96
CA LEU B 497 12.80 -6.15 10.27
C LEU B 497 12.13 -5.09 9.42
N LEU B 498 12.94 -4.10 9.00
CA LEU B 498 12.54 -3.19 7.94
C LEU B 498 13.44 -3.55 6.75
N ALA B 499 12.86 -4.22 5.76
CA ALA B 499 13.64 -4.88 4.70
C ALA B 499 14.63 -3.97 3.99
N PHE B 500 14.25 -2.72 3.75
CA PHE B 500 15.09 -1.78 3.00
C PHE B 500 15.92 -0.84 3.89
N SER B 501 15.86 -1.07 5.21
CA SER B 501 16.60 -0.32 6.24
C SER B 501 15.99 1.06 6.54
N GLN B 502 16.37 1.64 7.68
CA GLN B 502 15.77 2.90 8.14
C GLN B 502 15.96 4.08 7.20
N SER B 503 17.16 4.19 6.62
CA SER B 503 17.54 5.39 5.89
C SER B 503 17.60 5.16 4.38
N SER B 504 17.03 6.09 3.63
CA SER B 504 17.14 6.12 2.16
C SER B 504 18.41 6.80 1.70
N ASP B 505 19.21 7.28 2.64
CA ASP B 505 20.40 8.05 2.30
C ASP B 505 21.66 7.18 2.30
N PRO B 506 22.37 7.10 1.17
CA PRO B 506 23.57 6.25 1.08
C PRO B 506 24.64 6.55 2.14
N ARG B 507 24.62 7.76 2.70
CA ARG B 507 25.62 8.14 3.71
C ARG B 507 25.36 7.52 5.08
N SER B 508 24.12 7.09 5.32
CA SER B 508 23.70 6.64 6.64
C SER B 508 24.29 5.29 7.02
N PRO B 509 24.65 5.13 8.31
CA PRO B 509 24.98 3.82 8.85
C PRO B 509 23.82 2.83 8.74
N HIS B 510 22.61 3.33 8.48
CA HIS B 510 21.40 2.51 8.45
C HIS B 510 20.73 2.52 7.07
N TYR B 511 21.58 2.58 6.05
CA TYR B 511 21.17 2.54 4.65
C TYR B 511 20.97 1.10 4.13
N ARG B 512 21.75 0.14 4.65
CA ARG B 512 21.70 -1.24 4.14
C ARG B 512 21.86 -2.30 5.24
N ASP B 513 21.94 -1.89 6.50
CA ASP B 513 22.18 -2.85 7.58
C ASP B 513 21.08 -3.92 7.72
N GLN B 514 19.82 -3.52 7.67
CA GLN B 514 18.71 -4.50 7.76
C GLN B 514 18.44 -5.23 6.44
N THR B 515 18.89 -4.62 5.35
CA THR B 515 18.79 -5.23 4.03
C THR B 515 19.70 -6.44 3.89
N GLU B 516 20.92 -6.35 4.44
CA GLU B 516 21.80 -7.52 4.57
C GLU B 516 21.09 -8.60 5.36
N LEU B 517 20.41 -8.22 6.45
CA LEU B 517 19.68 -9.20 7.28
C LEU B 517 18.45 -9.78 6.58
N PHE B 518 17.74 -8.95 5.83
CA PHE B 518 16.59 -9.41 5.04
C PHE B 518 17.02 -10.46 4.01
N SER B 519 18.14 -10.18 3.33
CA SER B 519 18.73 -11.09 2.36
C SER B 519 18.94 -12.49 2.95
N ARG B 520 19.43 -12.52 4.20
CA ARG B 520 19.70 -13.79 4.90
C ARG B 520 18.48 -14.27 5.70
N GLN B 521 17.40 -13.51 5.61
CA GLN B 521 16.12 -13.77 6.31
C GLN B 521 16.32 -13.99 7.81
N GLN B 522 17.09 -13.09 8.42
CA GLN B 522 17.39 -13.14 9.86
C GLN B 522 16.67 -12.01 10.58
N TRP B 523 15.47 -12.33 11.08
CA TRP B 523 14.64 -11.35 11.77
C TRP B 523 15.24 -11.08 13.14
N GLN B 524 14.87 -9.94 13.71
CA GLN B 524 15.48 -9.45 14.91
C GLN B 524 14.42 -8.98 15.91
N THR B 525 14.82 -8.93 17.18
CA THR B 525 14.01 -8.30 18.22
C THR B 525 13.70 -6.85 17.87
N LEU B 526 12.46 -6.45 18.08
CA LEU B 526 12.08 -5.03 18.04
C LEU B 526 11.92 -4.64 19.52
N PRO B 527 12.93 -3.96 20.09
CA PRO B 527 12.91 -3.73 21.55
C PRO B 527 11.88 -2.66 21.93
N PHE B 528 11.08 -2.96 22.93
CA PHE B 528 9.97 -2.10 23.32
C PHE B 528 10.01 -1.67 24.80
N SER B 529 10.36 -2.60 25.69
CA SER B 529 10.41 -2.28 27.11
C SER B 529 11.68 -1.52 27.41
N ASP B 530 11.71 -0.77 28.52
CA ASP B 530 12.94 -0.08 28.90
C ASP B 530 14.06 -1.08 29.13
N ARG B 531 13.74 -2.24 29.70
CA ARG B 531 14.73 -3.31 29.88
C ARG B 531 15.36 -3.78 28.54
N GLN B 532 14.52 -4.04 27.53
CA GLN B 532 15.01 -4.43 26.20
C GLN B 532 15.88 -3.33 25.57
N ILE B 533 15.39 -2.09 25.62
CA ILE B 533 16.11 -0.94 25.06
C ILE B 533 17.48 -0.79 25.75
N ASP B 534 17.47 -0.82 27.08
CA ASP B 534 18.72 -0.69 27.83
C ASP B 534 19.70 -1.84 27.64
N ALA B 535 19.19 -3.03 27.28
CA ALA B 535 20.04 -4.19 26.99
C ALA B 535 20.81 -4.10 25.66
N ASP B 536 20.42 -3.16 24.79
CA ASP B 536 21.02 -3.06 23.45
C ASP B 536 22.41 -2.42 23.51
N PRO B 537 23.47 -3.18 23.14
CA PRO B 537 24.81 -2.59 23.26
C PRO B 537 25.08 -1.44 22.26
N GLN B 538 24.16 -1.18 21.33
CA GLN B 538 24.28 -0.04 20.41
C GLN B 538 23.50 1.19 20.87
N LEU B 539 22.92 1.12 22.07
CA LEU B 539 22.05 2.18 22.58
C LEU B 539 22.75 3.54 22.52
N GLN B 540 22.10 4.50 21.88
CA GLN B 540 22.55 5.89 21.92
C GLN B 540 21.40 6.79 22.35
N ARG B 541 21.70 7.94 22.95
CA ARG B 541 20.67 8.82 23.50
C ARG B 541 21.01 10.27 23.22
N LEU B 542 19.99 11.05 22.88
CA LEU B 542 20.12 12.48 22.70
C LEU B 542 18.83 13.14 23.19
N SER B 543 18.97 14.14 24.04
CA SER B 543 17.85 14.96 24.45
C SER B 543 17.96 16.30 23.73
N ILE B 544 16.87 16.78 23.16
CA ILE B 544 16.88 18.06 22.43
C ILE B 544 15.76 18.98 22.89
N ARG B 545 16.00 20.29 22.80
CA ARG B 545 14.95 21.27 23.07
C ARG B 545 15.22 22.56 22.32
N GLU B 546 14.17 23.36 22.13
CA GLU B 546 14.32 24.74 21.64
C GLU B 546 13.15 25.62 22.09
C1 GOL C . 1.92 17.47 30.89
O1 GOL C . 1.71 17.21 32.26
C2 GOL C . 1.57 18.92 30.62
O2 GOL C . 2.54 19.78 31.19
C3 GOL C . 1.48 19.14 29.11
O3 GOL C . 2.79 19.37 28.65
C1 GOL D . -11.47 20.46 -5.12
O1 GOL D . -11.23 21.81 -4.77
C2 GOL D . -10.66 19.55 -4.21
O2 GOL D . -11.33 19.43 -2.98
C3 GOL D . -9.27 20.13 -3.95
O3 GOL D . -8.67 19.40 -2.90
C1 GOL E . -1.99 27.44 10.16
O1 GOL E . -2.62 28.53 9.51
C2 GOL E . -1.20 26.68 9.11
O2 GOL E . 0.16 27.02 9.25
C3 GOL E . -1.42 25.18 9.31
O3 GOL E . -0.53 24.39 8.55
C1 GOL F . -0.74 22.17 -19.12
O1 GOL F . -1.77 22.89 -19.77
C2 GOL F . -0.12 21.17 -20.08
O2 GOL F . 1.26 21.42 -20.16
C3 GOL F . -0.35 19.76 -19.57
O3 GOL F . -1.46 19.23 -20.27
C1 GOL G . 6.46 7.35 -4.52
O1 GOL G . 6.09 8.49 -3.82
C2 GOL G . 5.55 6.22 -4.16
O2 GOL G . 5.11 5.62 -5.34
C3 GOL G . 6.48 5.24 -3.51
O3 GOL G . 6.39 5.42 -2.13
C1 GOL H . -1.51 3.32 24.65
O1 GOL H . -0.46 3.62 23.77
C2 GOL H . -1.18 2.03 25.40
O2 GOL H . -0.24 2.33 26.41
C3 GOL H . -2.41 1.40 26.06
O3 GOL H . -2.06 0.07 26.42
C1 GOL I . -5.12 -19.23 -15.88
O1 GOL I . -5.59 -18.10 -15.18
C2 GOL I . -5.74 -19.37 -17.28
O2 GOL I . -6.73 -18.39 -17.50
C3 GOL I . -6.34 -20.76 -17.48
O3 GOL I . -7.28 -20.78 -18.53
C1 GOL J . -23.83 13.91 0.79
O1 GOL J . -22.43 13.87 0.63
C2 GOL J . -24.57 13.80 -0.54
O2 GOL J . -24.09 12.68 -1.25
C3 GOL J . -24.35 15.07 -1.36
O3 GOL J . -25.09 15.00 -2.55
O1 DAO K . 0.44 -2.81 2.98
O2 DAO K . -1.62 -2.92 2.25
C1 DAO K . -0.73 -2.36 2.93
C2 DAO K . -1.10 -1.11 3.70
C3 DAO K . 0.11 -0.36 4.25
C4 DAO K . -0.23 1.09 4.60
C5 DAO K . -0.88 1.26 5.97
C6 DAO K . -0.81 2.71 6.48
C7 DAO K . -1.62 3.68 5.63
C8 DAO K . -1.59 5.09 6.22
C9 DAO K . -2.42 6.05 5.38
C10 DAO K . -2.30 7.49 5.91
C11 DAO K . -3.07 8.48 5.04
C12 DAO K . -2.84 9.91 5.52
O1 DAO L . -5.87 1.82 -2.93
O2 DAO L . -4.15 0.80 -3.89
C1 DAO L . -4.64 1.60 -3.04
C2 DAO L . -3.69 2.31 -2.11
C3 DAO L . -2.36 2.44 -2.83
C4 DAO L . -1.21 1.85 -2.05
C5 DAO L . -0.22 1.22 -3.04
C6 DAO L . 0.50 0.02 -2.43
C7 DAO L . 1.20 -0.87 -3.44
C8 DAO L . 2.71 -0.66 -3.33
C9 DAO L . 3.52 -1.89 -3.75
C10 DAO L . 4.96 -1.48 -4.04
C11 DAO L . 5.23 -1.34 -5.55
C12 DAO L . 5.96 -0.05 -5.89
#